data_7ZK4
#
_entry.id   7ZK4
#
_cell.length_a   1.00
_cell.length_b   1.00
_cell.length_c   1.00
_cell.angle_alpha   90.00
_cell.angle_beta   90.00
_cell.angle_gamma   90.00
#
_symmetry.space_group_name_H-M   'P 1'
#
loop_
_entity.id
_entity.type
_entity.pdbx_description
1 polymer 'ATP-dependent translocase ABCB1'
2 non-polymer "ADENOSINE-5'-TRIPHOSPHATE"
3 non-polymer 'MAGNESIUM ION'
4 non-polymer 'CHOLESTEROL HEMISUCCINATE'
5 water water
#
_entity_poly.entity_id   1
_entity_poly.type   'polypeptide(L)'
_entity_poly.pdbx_seq_one_letter_code
;MELEEDLKGRADKNFSKMGKKSKKEKKEKKPAVSVLTMFRYAGWLDRLYMLVGTLAAIIHGVALPLMMLIFGDMTDSFAS
VGQVSKQSTQMSEADKRAMFAKLEEEMTTYAYYYTGIGAGVLIVAYIQVSFWALAAGRQIHKIRQKFFHAIMNQEIGWFD
VHDVGELNTRLTDDVSKINEGIGDKIGMFFQAMATFFGGFIIGFTRGWKLTLVILAISPVLGLSAGIWAKILSSFTDKEL
HAYAKAGAVAEEVLAAIRTVIAFGGQKKELERYNNNLEEAKRLGIKKAITANISMGAAFLLIYASYALAFWYGTSLVISK
EYSIGQVLTVFFSVCIGAFSVGQASPNIEAFANARGAAYEVFKIIDNKPSIDSFSKSGHKPDNIQGNLEFKNIHFSYPSR
KEVQILKGLNLKVKSGQTVALVGNSGGGKSTTVQLMQRLYDPLDGMVSIDGQDIRTINVRYLREIIGVVSQEPVLFATTI
AENIRYGREDVTMDEIEKAVKEANAYDFIMKLPHQFDTLVGERGAQLSGGQKQRIAIARALVRNPKILLLDEATSALDTE
SEAVVQAALDKAREGRTTIVIAHRLSTVRNADVIAGFDGGVIVEQGNHDELMREKGIYFKLVMTQTAGNEIELGNEAGKS
KDEIDNLDMSSKDSGSSLIRRRSTRKSITGPHDQDRKLSTKEALDEDVPPASFWRILKLNSTEWPYFVVGIFAAIINGGL
QPAFSVIFSKVVGVFTNGGPPETQRQNSNLFSLLFLILGIISFITFFLQGFTFGKAGEILTKRLRYMVFKSMLRQDVSWF
DDPKNTTGALTTRLANDAAQVKGATGSRLAVIFQNIANLGTGIIISLIYGWQLTLLLLAIVPIIAIAGVVEMKMLSGQAL
KDKKELEGSGKIATEAIENFRTVVSLTREQKFETMYAQSLQIPYRNAMKKAHVFGITFSFTQAMMYFSYAAAFRFGAYLV
TQQLMTFENVLLVFSAIVFGAMAVGQVSSFAPDYAKATVSASHIIRIIEKTPEIDSYSTQGLKPNMLEGNVQFSGVVFNY
PTRPSIPVLQGLSLEVKKGQTLALVGSSGGGKSTVVQLLERFYDPMAGSVFLDGKEIKQLNVQWLRAQLGIVSQEPILFD
RSIAENIAYGDNSRVVSYEEIVRAAKEANIHQFIDSLPDKYNTRVGDKGTQLSGGQKQRIAIARALVRQPHILLLDEATS
ALDTESEKVVQEALDKAREGRTVIVIAHRLSTIQNADLIVVIQNGKVKEHGTHQQLLAQKGIYFSMVSVQAGAKRSLEEN
LYFQGGGASGGSWSHPQFEKAAAGGGSGGGSWSHPQFEKGSGHHHHHH
;
_entity_poly.pdbx_strand_id   A
#
loop_
_chem_comp.id
_chem_comp.type
_chem_comp.name
_chem_comp.formula
ATP non-polymer ADENOSINE-5'-TRIPHOSPHATE 'C10 H16 N5 O13 P3'
MG non-polymer 'MAGNESIUM ION' 'Mg 2'
Y01 non-polymer 'CHOLESTEROL HEMISUCCINATE' 'C31 H50 O4'
#
# COMPACT_ATOMS: atom_id res chain seq x y z
N SER A 34 25.21 -5.82 2.48
CA SER A 34 23.93 -5.54 1.82
C SER A 34 22.91 -6.61 2.16
N VAL A 35 23.39 -7.83 2.38
CA VAL A 35 22.50 -8.92 2.79
C VAL A 35 21.86 -8.60 4.13
N LEU A 36 22.67 -8.17 5.08
CA LEU A 36 22.19 -7.77 6.41
C LEU A 36 21.98 -6.25 6.47
N THR A 37 21.31 -5.71 5.44
CA THR A 37 21.01 -4.29 5.46
C THR A 37 19.88 -3.97 6.43
N MET A 38 18.92 -4.89 6.57
CA MET A 38 17.97 -4.85 7.66
C MET A 38 18.64 -5.34 8.94
N PHE A 39 17.94 -5.16 10.06
CA PHE A 39 18.48 -5.17 11.42
C PHE A 39 19.40 -3.97 11.65
N ARG A 40 19.34 -2.96 10.77
CA ARG A 40 20.18 -1.79 10.93
C ARG A 40 19.79 -0.99 12.17
N TYR A 41 18.50 -0.93 12.48
CA TYR A 41 17.99 -0.13 13.59
C TYR A 41 17.74 -0.93 14.84
N ALA A 42 18.47 -2.03 15.04
CA ALA A 42 18.27 -2.88 16.21
C ALA A 42 18.57 -2.13 17.50
N GLY A 43 19.81 -1.73 17.70
CA GLY A 43 20.19 -1.13 18.95
C GLY A 43 20.39 -2.17 20.04
N TRP A 44 20.78 -1.70 21.22
CA TRP A 44 21.18 -2.61 22.29
C TRP A 44 20.01 -3.45 22.77
N LEU A 45 18.81 -2.86 22.88
CA LEU A 45 17.68 -3.60 23.41
C LEU A 45 17.23 -4.71 22.45
N ASP A 46 17.13 -4.40 21.15
CA ASP A 46 16.78 -5.45 20.19
C ASP A 46 17.89 -6.48 20.07
N ARG A 47 19.15 -6.06 20.19
CA ARG A 47 20.24 -7.02 20.19
C ARG A 47 20.13 -7.99 21.37
N LEU A 48 19.74 -7.59 22.56
CA LEU A 48 19.58 -8.49 23.69
C LEU A 48 18.29 -9.30 23.60
N TYR A 49 17.21 -8.78 23.07
CA TYR A 49 15.98 -9.53 22.80
C TYR A 49 16.30 -10.67 21.88
N MET A 50 17.13 -10.46 20.90
CA MET A 50 17.47 -11.45 19.90
C MET A 50 18.55 -12.38 20.32
N LEU A 51 19.52 -11.98 21.14
CA LEU A 51 20.49 -12.90 21.73
C LEU A 51 19.81 -13.84 22.72
N VAL A 52 19.01 -13.30 23.64
CA VAL A 52 18.34 -14.13 24.63
C VAL A 52 17.34 -15.06 23.96
N GLY A 53 16.62 -14.56 22.95
CA GLY A 53 15.68 -15.41 22.23
C GLY A 53 16.38 -16.52 21.46
N THR A 54 17.56 -16.24 20.91
CA THR A 54 18.31 -17.28 20.22
C THR A 54 18.80 -18.34 21.19
N LEU A 55 19.26 -17.92 22.36
CA LEU A 55 19.66 -18.90 23.37
C LEU A 55 18.47 -19.75 23.83
N ALA A 56 17.32 -19.10 24.02
CA ALA A 56 16.11 -19.84 24.39
C ALA A 56 15.71 -20.81 23.29
N ALA A 57 15.83 -20.39 22.03
CA ALA A 57 15.52 -21.27 20.91
C ALA A 57 16.47 -22.46 20.87
N ILE A 58 17.75 -22.23 21.15
CA ILE A 58 18.72 -23.32 21.16
C ILE A 58 18.38 -24.33 22.26
N ILE A 59 18.04 -23.83 23.46
CA ILE A 59 17.68 -24.73 24.55
C ILE A 59 16.40 -25.50 24.20
N HIS A 60 15.40 -24.80 23.65
CA HIS A 60 14.16 -25.46 23.27
C HIS A 60 14.39 -26.50 22.20
N GLY A 61 15.27 -26.23 21.23
CA GLY A 61 15.59 -27.21 20.23
C GLY A 61 16.32 -28.41 20.79
N VAL A 62 17.31 -28.19 21.66
CA VAL A 62 18.02 -29.28 22.32
C VAL A 62 17.12 -30.14 23.18
N ALA A 63 16.00 -29.58 23.66
CA ALA A 63 15.06 -30.37 24.46
C ALA A 63 14.58 -31.62 23.72
N LEU A 64 14.52 -31.57 22.38
CA LEU A 64 13.97 -32.70 21.64
C LEU A 64 14.98 -33.83 21.42
N PRO A 65 16.25 -33.59 21.06
CA PRO A 65 17.22 -34.68 21.10
C PRO A 65 17.40 -35.28 22.48
N LEU A 66 17.09 -34.53 23.54
CA LEU A 66 17.08 -35.15 24.86
C LEU A 66 15.93 -36.14 24.99
N MET A 67 14.79 -35.83 24.34
CA MET A 67 13.73 -36.82 24.17
C MET A 67 14.25 -38.07 23.46
N MET A 68 14.98 -37.89 22.36
CA MET A 68 15.49 -39.05 21.64
C MET A 68 16.59 -39.78 22.39
N LEU A 69 17.21 -39.13 23.37
CA LEU A 69 18.29 -39.77 24.11
C LEU A 69 17.84 -41.04 24.82
N ILE A 70 16.55 -41.17 25.15
CA ILE A 70 16.08 -42.39 25.81
C ILE A 70 15.73 -43.50 24.83
N PHE A 71 15.78 -43.22 23.53
CA PHE A 71 15.46 -44.23 22.53
C PHE A 71 16.73 -44.92 22.04
N GLY A 72 16.53 -46.06 21.38
CA GLY A 72 17.64 -46.90 20.97
C GLY A 72 18.23 -47.65 22.14
N ASP A 73 18.90 -46.93 23.03
CA ASP A 73 19.37 -47.48 24.29
C ASP A 73 18.48 -46.98 25.43
N MET A 74 18.88 -47.27 26.67
CA MET A 74 18.15 -46.87 27.87
C MET A 74 16.76 -47.52 27.83
N THR A 75 15.71 -46.77 27.47
CA THR A 75 14.37 -47.37 27.40
C THR A 75 14.32 -48.45 26.33
N ASP A 76 14.80 -48.15 25.14
CA ASP A 76 14.83 -49.15 24.08
C ASP A 76 15.94 -50.17 24.27
N SER A 77 16.98 -49.87 25.06
CA SER A 77 17.92 -50.93 25.46
C SER A 77 17.21 -51.97 26.32
N PHE A 78 16.39 -51.52 27.27
CA PHE A 78 15.59 -52.46 28.03
C PHE A 78 14.56 -53.17 27.17
N ALA A 79 14.08 -52.52 26.10
CA ALA A 79 12.95 -53.08 25.29
C ALA A 79 13.31 -54.27 24.42
N SER A 80 14.25 -54.08 23.50
CA SER A 80 14.73 -55.19 22.65
C SER A 80 15.37 -56.20 23.59
N VAL A 81 15.46 -55.84 24.87
CA VAL A 81 15.90 -56.84 25.87
C VAL A 81 14.62 -57.49 26.43
N GLY A 82 13.53 -56.73 26.59
CA GLY A 82 12.25 -57.19 27.17
C GLY A 82 11.51 -58.30 26.40
N GLN A 83 11.45 -58.26 25.07
CA GLN A 83 10.62 -59.27 24.36
C GLN A 83 11.38 -60.04 23.28
N VAL A 84 12.23 -59.36 22.49
CA VAL A 84 13.07 -60.08 21.51
C VAL A 84 14.04 -60.99 22.28
N SER A 85 14.66 -60.47 23.34
CA SER A 85 15.63 -61.25 24.11
C SER A 85 14.95 -61.83 25.34
N LYS A 86 13.62 -61.76 25.39
CA LYS A 86 12.87 -62.41 26.50
C LYS A 86 13.12 -63.92 26.42
N GLN A 87 13.25 -64.59 27.58
CA GLN A 87 13.39 -66.06 27.57
C GLN A 87 12.08 -66.69 27.08
N SER A 88 12.14 -67.86 26.44
CA SER A 88 10.90 -68.42 25.87
C SER A 88 9.99 -68.53 27.08
N THR A 89 10.53 -69.05 28.17
CA THR A 89 9.83 -69.02 29.47
C THR A 89 10.99 -68.88 30.45
N GLN A 90 10.94 -67.93 31.39
CA GLN A 90 12.01 -67.90 32.41
C GLN A 90 11.35 -67.82 33.77
N MET A 91 10.58 -68.83 34.18
CA MET A 91 9.83 -68.68 35.45
C MET A 91 9.12 -67.36 35.25
N SER A 92 8.63 -67.18 34.02
CA SER A 92 7.98 -65.92 33.66
C SER A 92 6.92 -65.64 34.75
N GLU A 93 6.20 -66.68 35.21
CA GLU A 93 5.25 -66.52 36.32
C GLU A 93 5.92 -65.99 37.59
N ALA A 94 7.26 -65.98 37.67
CA ALA A 94 7.93 -65.38 38.84
C ALA A 94 8.86 -64.18 38.54
N ASP A 95 9.26 -63.93 37.29
CA ASP A 95 10.26 -62.84 37.06
C ASP A 95 9.93 -61.97 35.85
N LYS A 96 9.05 -62.42 34.95
CA LYS A 96 8.66 -61.49 33.85
C LYS A 96 7.93 -60.31 34.52
N ARG A 97 7.13 -60.60 35.54
CA ARG A 97 6.46 -59.52 36.31
C ARG A 97 7.52 -58.60 36.93
N ALA A 98 8.71 -59.12 37.25
CA ALA A 98 9.71 -58.28 37.90
C ALA A 98 10.34 -57.30 36.91
N MET A 99 10.68 -57.76 35.70
CA MET A 99 11.25 -56.86 34.71
C MET A 99 10.19 -55.91 34.18
N PHE A 100 8.92 -56.34 34.15
CA PHE A 100 7.83 -55.41 33.86
C PHE A 100 7.73 -54.31 34.91
N ALA A 101 7.86 -54.65 36.19
CA ALA A 101 7.91 -53.62 37.24
C ALA A 101 9.12 -52.71 37.07
N LYS A 102 10.26 -53.27 36.69
CA LYS A 102 11.46 -52.45 36.47
C LYS A 102 11.25 -51.44 35.35
N LEU A 103 10.59 -51.95 34.29
CA LEU A 103 10.25 -51.06 33.16
C LEU A 103 9.10 -50.18 33.60
N GLU A 104 8.32 -50.60 34.59
CA GLU A 104 7.29 -49.68 35.11
C GLU A 104 8.03 -48.57 35.80
N GLU A 105 9.14 -48.90 36.43
CA GLU A 105 9.75 -47.87 37.30
C GLU A 105 10.53 -46.86 36.47
N GLU A 106 11.17 -47.32 35.43
CA GLU A 106 11.95 -46.46 34.55
C GLU A 106 11.05 -45.54 33.73
N MET A 107 9.89 -46.04 33.29
CA MET A 107 8.96 -45.21 32.54
C MET A 107 8.39 -44.09 33.42
N THR A 108 8.10 -44.38 34.68
CA THR A 108 7.64 -43.33 35.58
C THR A 108 8.73 -42.28 35.78
N THR A 109 9.98 -42.70 35.91
CA THR A 109 11.07 -41.73 36.06
C THR A 109 11.17 -40.85 34.82
N TYR A 110 11.04 -41.44 33.63
CA TYR A 110 11.13 -40.64 32.41
C TYR A 110 9.90 -39.76 32.25
N ALA A 111 8.77 -40.17 32.82
CA ALA A 111 7.59 -39.30 32.84
C ALA A 111 7.83 -38.07 33.70
N TYR A 112 8.45 -38.26 34.87
CA TYR A 112 8.84 -37.10 35.68
C TYR A 112 9.82 -36.21 34.91
N TYR A 113 10.79 -36.82 34.25
CA TYR A 113 11.76 -36.06 33.47
C TYR A 113 11.05 -35.23 32.40
N TYR A 114 10.04 -35.84 31.76
CA TYR A 114 9.30 -35.14 30.67
C TYR A 114 8.45 -34.01 31.23
N THR A 115 7.83 -34.20 32.41
CA THR A 115 7.10 -33.08 33.01
C THR A 115 8.04 -31.91 33.30
N GLY A 116 9.23 -32.21 33.82
CA GLY A 116 10.21 -31.16 34.02
C GLY A 116 10.60 -30.49 32.72
N ILE A 117 10.81 -31.29 31.67
CA ILE A 117 11.10 -30.73 30.36
C ILE A 117 9.94 -29.90 29.85
N GLY A 118 8.71 -30.31 30.14
CA GLY A 118 7.56 -29.53 29.72
C GLY A 118 7.53 -28.16 30.37
N ALA A 119 7.82 -28.10 31.66
CA ALA A 119 7.89 -26.78 32.33
C ALA A 119 9.03 -25.94 31.75
N GLY A 120 10.21 -26.54 31.59
CA GLY A 120 11.33 -25.80 31.03
C GLY A 120 11.05 -25.30 29.63
N VAL A 121 10.42 -26.15 28.81
CA VAL A 121 10.07 -25.78 27.44
C VAL A 121 9.03 -24.68 27.45
N LEU A 122 8.06 -24.74 28.37
CA LEU A 122 7.14 -23.63 28.54
C LEU A 122 7.90 -22.32 28.67
N ILE A 123 8.80 -22.25 29.65
CA ILE A 123 9.52 -21.01 29.91
C ILE A 123 10.33 -20.58 28.68
N VAL A 124 11.14 -21.51 28.15
CA VAL A 124 12.10 -21.12 27.12
C VAL A 124 11.40 -20.80 25.80
N ALA A 125 10.28 -21.44 25.53
CA ALA A 125 9.46 -21.20 24.33
C ALA A 125 8.82 -19.82 24.28
N TYR A 126 8.41 -19.24 25.37
CA TYR A 126 7.92 -17.87 25.38
C TYR A 126 9.03 -16.89 25.16
N ILE A 127 10.19 -17.18 25.71
CA ILE A 127 11.23 -16.16 25.72
C ILE A 127 11.69 -16.22 24.32
N GLN A 128 11.74 -17.37 23.79
CA GLN A 128 12.18 -17.35 22.40
C GLN A 128 11.21 -16.58 21.53
N VAL A 129 9.95 -17.03 21.46
CA VAL A 129 9.00 -16.43 20.53
C VAL A 129 8.73 -14.98 20.91
N SER A 130 8.43 -14.70 22.18
CA SER A 130 8.04 -13.31 22.55
C SER A 130 9.19 -12.34 22.25
N PHE A 131 10.41 -12.66 22.69
CA PHE A 131 11.54 -11.70 22.51
C PHE A 131 11.80 -11.46 21.03
N TRP A 132 11.73 -12.51 20.21
CA TRP A 132 12.00 -12.37 18.76
C TRP A 132 10.96 -11.46 18.08
N ALA A 133 9.68 -11.58 18.47
CA ALA A 133 8.62 -10.74 17.89
C ALA A 133 8.70 -9.33 18.49
N LEU A 134 9.21 -9.22 19.72
CA LEU A 134 9.37 -7.93 20.37
C LEU A 134 10.41 -7.17 19.63
N ALA A 135 11.42 -7.82 19.19
CA ALA A 135 12.53 -7.19 18.49
C ALA A 135 12.11 -6.90 17.08
N ALA A 136 11.39 -7.79 16.48
CA ALA A 136 10.87 -7.53 15.14
C ALA A 136 9.92 -6.34 15.15
N GLY A 137 9.03 -6.27 16.14
CA GLY A 137 8.10 -5.16 16.21
C GLY A 137 8.77 -3.82 16.41
N ARG A 138 9.75 -3.76 17.32
CA ARG A 138 10.49 -2.51 17.53
C ARG A 138 11.24 -2.10 16.27
N GLN A 139 11.91 -3.06 15.63
CA GLN A 139 12.66 -2.74 14.42
C GLN A 139 11.75 -2.30 13.30
N ILE A 140 10.57 -2.92 13.17
CA ILE A 140 9.64 -2.55 12.11
C ILE A 140 9.07 -1.16 12.36
N HIS A 141 8.80 -0.83 13.62
CA HIS A 141 8.37 0.53 13.96
C HIS A 141 9.41 1.56 13.53
N LYS A 142 10.68 1.30 13.90
CA LYS A 142 11.75 2.22 13.51
C LYS A 142 11.93 2.27 12.00
N ILE A 143 11.76 1.13 11.31
CA ILE A 143 11.92 1.08 9.86
C ILE A 143 10.84 1.91 9.17
N ARG A 144 9.60 1.78 9.63
CA ARG A 144 8.52 2.59 9.07
C ARG A 144 8.78 4.07 9.28
N GLN A 145 9.20 4.45 10.49
CA GLN A 145 9.49 5.86 10.74
C GLN A 145 10.63 6.37 9.87
N LYS A 146 11.71 5.59 9.75
CA LYS A 146 12.86 6.00 8.96
C LYS A 146 12.53 6.07 7.47
N PHE A 147 11.72 5.14 6.96
CA PHE A 147 11.36 5.19 5.55
C PHE A 147 10.48 6.39 5.25
N PHE A 148 9.52 6.70 6.14
CA PHE A 148 8.73 7.90 5.95
C PHE A 148 9.58 9.15 6.02
N HIS A 149 10.54 9.19 6.93
CA HIS A 149 11.43 10.35 7.05
C HIS A 149 12.27 10.51 5.79
N ALA A 150 12.77 9.41 5.24
CA ALA A 150 13.52 9.41 4.00
C ALA A 150 12.71 9.90 2.80
N ILE A 151 11.44 9.50 2.71
CA ILE A 151 10.57 10.02 1.65
C ILE A 151 10.40 11.53 1.80
N MET A 152 10.19 12.00 3.03
CA MET A 152 9.99 13.42 3.27
C MET A 152 11.25 14.23 3.07
N ASN A 153 12.41 13.58 2.94
CA ASN A 153 13.67 14.28 2.80
C ASN A 153 14.09 14.49 1.35
N GLN A 154 13.43 13.86 0.40
CA GLN A 154 13.84 13.94 -0.99
C GLN A 154 13.54 15.31 -1.58
N GLU A 155 14.20 15.62 -2.69
CA GLU A 155 14.00 16.90 -3.35
C GLU A 155 12.80 16.85 -4.29
N ILE A 156 12.41 18.03 -4.75
CA ILE A 156 11.29 18.13 -5.69
C ILE A 156 11.64 17.45 -7.01
N GLY A 157 12.88 17.61 -7.46
CA GLY A 157 13.32 16.92 -8.66
C GLY A 157 13.30 15.41 -8.54
N TRP A 158 13.63 14.90 -7.35
CA TRP A 158 13.53 13.47 -7.11
C TRP A 158 12.09 12.98 -7.24
N PHE A 159 11.14 13.75 -6.71
CA PHE A 159 9.73 13.41 -6.87
C PHE A 159 9.31 13.49 -8.33
N ASP A 160 9.85 14.46 -9.06
CA ASP A 160 9.52 14.59 -10.48
C ASP A 160 10.01 13.40 -11.28
N VAL A 161 11.23 12.94 -11.01
CA VAL A 161 11.79 11.83 -11.78
C VAL A 161 11.10 10.53 -11.46
N HIS A 162 10.79 10.29 -10.18
CA HIS A 162 10.30 8.99 -9.74
C HIS A 162 8.78 8.97 -9.69
N ASP A 163 8.23 7.77 -9.85
CA ASP A 163 6.81 7.56 -9.66
C ASP A 163 6.54 7.31 -8.18
N VAL A 164 6.12 8.36 -7.46
CA VAL A 164 5.98 8.27 -6.02
C VAL A 164 4.65 7.66 -5.59
N GLY A 165 3.79 7.28 -6.53
CA GLY A 165 2.58 6.56 -6.18
C GLY A 165 2.86 5.16 -5.71
N GLU A 166 4.08 4.66 -5.93
CA GLU A 166 4.47 3.34 -5.45
C GLU A 166 4.88 3.38 -3.98
N LEU A 167 5.07 4.58 -3.42
CA LEU A 167 5.69 4.71 -2.12
C LEU A 167 4.77 4.22 -0.99
N ASN A 168 3.47 4.49 -1.10
CA ASN A 168 2.55 4.02 -0.06
C ASN A 168 2.41 2.50 -0.11
N THR A 169 2.46 1.93 -1.31
CA THR A 169 2.46 0.47 -1.43
C THR A 169 3.73 -0.12 -0.80
N ARG A 170 4.87 0.54 -1.00
CA ARG A 170 6.09 0.12 -0.31
C ARG A 170 5.93 0.21 1.21
N LEU A 171 5.32 1.30 1.68
CA LEU A 171 5.10 1.47 3.12
C LEU A 171 4.23 0.37 3.69
N THR A 172 3.17 -0.01 2.99
CA THR A 172 2.22 -0.95 3.55
C THR A 172 2.65 -2.40 3.30
N ASP A 173 3.07 -2.71 2.09
CA ASP A 173 3.29 -4.11 1.71
C ASP A 173 4.70 -4.59 2.04
N ASP A 174 5.73 -3.84 1.63
CA ASP A 174 7.09 -4.31 1.77
C ASP A 174 7.52 -4.36 3.24
N VAL A 175 7.08 -3.39 4.03
CA VAL A 175 7.47 -3.37 5.45
C VAL A 175 6.85 -4.56 6.18
N SER A 176 5.61 -4.89 5.84
CA SER A 176 4.98 -6.08 6.42
C SER A 176 5.69 -7.35 5.96
N LYS A 177 6.21 -7.34 4.73
CA LYS A 177 6.99 -8.49 4.26
C LYS A 177 8.30 -8.61 5.02
N ILE A 178 8.93 -7.49 5.37
CA ILE A 178 10.12 -7.51 6.21
C ILE A 178 9.77 -8.00 7.61
N ASN A 179 8.59 -7.61 8.11
CA ASN A 179 8.20 -7.96 9.47
C ASN A 179 8.09 -9.47 9.64
N GLU A 180 7.55 -10.17 8.65
CA GLU A 180 7.35 -11.61 8.75
C GLU A 180 8.63 -12.40 8.55
N GLY A 181 9.75 -11.75 8.23
CA GLY A 181 10.99 -12.46 8.03
C GLY A 181 12.05 -12.17 9.06
N ILE A 182 11.78 -11.24 9.99
CA ILE A 182 12.74 -10.85 11.00
C ILE A 182 12.22 -11.11 12.41
N GLY A 183 11.17 -11.91 12.55
CA GLY A 183 10.52 -12.08 13.83
C GLY A 183 10.73 -13.45 14.44
N ASP A 184 9.65 -14.02 14.98
CA ASP A 184 9.73 -15.30 15.66
C ASP A 184 10.07 -16.44 14.72
N LYS A 185 9.93 -16.22 13.41
CA LYS A 185 10.30 -17.26 12.45
C LYS A 185 11.79 -17.56 12.52
N ILE A 186 12.61 -16.53 12.76
CA ILE A 186 14.04 -16.76 12.95
C ILE A 186 14.28 -17.60 14.19
N GLY A 187 13.50 -17.37 15.25
CA GLY A 187 13.59 -18.21 16.42
C GLY A 187 13.23 -19.66 16.14
N MET A 188 12.18 -19.87 15.33
CA MET A 188 11.82 -21.24 14.94
C MET A 188 12.92 -21.90 14.13
N PHE A 189 13.54 -21.14 13.22
CA PHE A 189 14.65 -21.66 12.44
C PHE A 189 15.81 -22.06 13.34
N PHE A 190 16.12 -21.23 14.34
CA PHE A 190 17.21 -21.54 15.24
C PHE A 190 16.88 -22.75 16.11
N GLN A 191 15.61 -22.89 16.50
CA GLN A 191 15.21 -24.08 17.26
C GLN A 191 15.37 -25.34 16.42
N ALA A 192 14.97 -25.28 15.15
CA ALA A 192 15.14 -26.44 14.27
C ALA A 192 16.62 -26.76 14.06
N MET A 193 17.46 -25.74 13.91
CA MET A 193 18.89 -25.97 13.78
C MET A 193 19.47 -26.59 15.04
N ALA A 194 18.99 -26.14 16.21
CA ALA A 194 19.44 -26.73 17.47
C ALA A 194 19.04 -28.19 17.57
N THR A 195 17.82 -28.53 17.16
CA THR A 195 17.40 -29.93 17.18
C THR A 195 18.26 -30.77 16.23
N PHE A 196 18.53 -30.25 15.03
CA PHE A 196 19.39 -30.94 14.08
C PHE A 196 20.76 -31.19 14.67
N PHE A 197 21.33 -30.17 15.30
CA PHE A 197 22.66 -30.34 15.90
C PHE A 197 22.61 -31.30 17.09
N GLY A 198 21.52 -31.30 17.85
CA GLY A 198 21.40 -32.25 18.94
C GLY A 198 21.44 -33.68 18.45
N GLY A 199 20.69 -33.96 17.38
CA GLY A 199 20.80 -35.25 16.72
C GLY A 199 22.19 -35.53 16.21
N PHE A 200 22.86 -34.49 15.70
CA PHE A 200 24.25 -34.59 15.23
C PHE A 200 25.19 -35.10 16.33
N ILE A 201 25.21 -34.42 17.48
CA ILE A 201 26.07 -34.85 18.57
C ILE A 201 25.65 -36.20 19.12
N ILE A 202 24.35 -36.46 19.27
CA ILE A 202 23.95 -37.76 19.81
C ILE A 202 24.37 -38.88 18.87
N GLY A 203 24.27 -38.67 17.56
CA GLY A 203 24.72 -39.67 16.63
C GLY A 203 26.21 -39.96 16.74
N PHE A 204 27.04 -38.91 16.78
CA PHE A 204 28.48 -39.14 16.95
C PHE A 204 28.84 -39.74 18.30
N THR A 205 28.13 -39.36 19.37
CA THR A 205 28.41 -39.98 20.66
C THR A 205 28.07 -41.46 20.64
N ARG A 206 26.93 -41.83 20.04
CA ARG A 206 26.54 -43.23 20.03
C ARG A 206 27.38 -44.03 19.03
N GLY A 207 27.68 -43.44 17.87
CA GLY A 207 28.51 -44.11 16.86
C GLY A 207 28.82 -43.24 15.65
N TRP A 208 30.08 -42.78 15.53
CA TRP A 208 30.53 -41.95 14.37
C TRP A 208 30.73 -42.81 13.13
N LYS A 209 31.33 -42.25 12.06
CA LYS A 209 31.60 -42.97 10.77
C LYS A 209 30.28 -43.24 10.07
N LEU A 210 29.24 -43.60 10.82
CA LEU A 210 27.92 -43.86 10.28
C LEU A 210 27.11 -42.58 10.13
N THR A 211 27.07 -41.75 11.17
CA THR A 211 26.40 -40.46 11.06
C THR A 211 27.21 -39.50 10.19
N LEU A 212 28.50 -39.79 9.97
CA LEU A 212 29.22 -39.12 8.90
C LEU A 212 28.59 -39.41 7.55
N VAL A 213 28.25 -40.67 7.30
CA VAL A 213 27.60 -41.03 6.03
C VAL A 213 26.25 -40.34 5.91
N ILE A 214 25.49 -40.28 7.01
CA ILE A 214 24.17 -39.66 6.97
C ILE A 214 24.28 -38.16 6.72
N LEU A 215 25.21 -37.49 7.40
CA LEU A 215 25.27 -36.04 7.40
C LEU A 215 26.35 -35.48 6.47
N ALA A 216 26.95 -36.32 5.62
CA ALA A 216 27.86 -35.79 4.61
C ALA A 216 27.14 -35.05 3.50
N ILE A 217 25.83 -35.27 3.34
CA ILE A 217 25.05 -34.55 2.34
C ILE A 217 24.50 -33.24 2.89
N SER A 218 24.74 -32.94 4.17
CA SER A 218 24.29 -31.67 4.72
C SER A 218 24.78 -30.44 3.96
N PRO A 219 26.04 -30.36 3.51
CA PRO A 219 26.42 -29.21 2.67
C PRO A 219 25.59 -29.08 1.40
N VAL A 220 25.19 -30.21 0.80
CA VAL A 220 24.35 -30.15 -0.39
C VAL A 220 23.01 -29.50 -0.07
N LEU A 221 22.40 -29.90 1.04
CA LEU A 221 21.14 -29.28 1.44
C LEU A 221 21.34 -27.80 1.78
N GLY A 222 22.46 -27.45 2.40
CA GLY A 222 22.73 -26.05 2.67
C GLY A 222 22.84 -25.22 1.42
N LEU A 223 23.57 -25.70 0.42
CA LEU A 223 23.67 -24.99 -0.85
C LEU A 223 22.32 -24.92 -1.55
N SER A 224 21.55 -26.00 -1.50
CA SER A 224 20.23 -26.00 -2.11
C SER A 224 19.33 -24.96 -1.45
N ALA A 225 19.37 -24.89 -0.12
CA ALA A 225 18.57 -23.89 0.60
C ALA A 225 19.03 -22.48 0.27
N GLY A 226 20.34 -22.27 0.14
CA GLY A 226 20.83 -20.95 -0.22
C GLY A 226 20.37 -20.51 -1.60
N ILE A 227 20.47 -21.40 -2.59
CA ILE A 227 20.01 -21.08 -3.94
C ILE A 227 18.51 -20.83 -3.94
N TRP A 228 17.77 -21.68 -3.24
CA TRP A 228 16.32 -21.53 -3.08
C TRP A 228 15.99 -20.15 -2.53
N ALA A 229 16.67 -19.75 -1.45
CA ALA A 229 16.40 -18.46 -0.82
C ALA A 229 16.74 -17.30 -1.74
N LYS A 230 17.86 -17.40 -2.46
CA LYS A 230 18.26 -16.30 -3.34
C LYS A 230 17.25 -16.11 -4.47
N ILE A 231 16.79 -17.22 -5.07
CA ILE A 231 15.78 -17.12 -6.12
C ILE A 231 14.48 -16.57 -5.55
N LEU A 232 14.11 -16.99 -4.35
CA LEU A 232 12.91 -16.46 -3.71
C LEU A 232 13.02 -14.96 -3.50
N SER A 233 14.19 -14.48 -3.05
CA SER A 233 14.39 -13.05 -2.82
C SER A 233 14.27 -12.27 -4.12
N SER A 234 14.89 -12.76 -5.19
CA SER A 234 14.80 -12.06 -6.47
C SER A 234 13.37 -12.01 -6.98
N PHE A 235 12.65 -13.13 -6.89
CA PHE A 235 11.26 -13.15 -7.34
C PHE A 235 10.40 -12.24 -6.48
N THR A 236 10.66 -12.18 -5.17
CA THR A 236 9.91 -11.28 -4.31
C THR A 236 10.17 -9.83 -4.68
N ASP A 237 11.42 -9.48 -5.00
CA ASP A 237 11.73 -8.12 -5.43
C ASP A 237 10.94 -7.75 -6.68
N LYS A 238 10.95 -8.63 -7.69
CA LYS A 238 10.21 -8.35 -8.91
C LYS A 238 8.71 -8.26 -8.67
N GLU A 239 8.18 -9.18 -7.85
CA GLU A 239 6.75 -9.19 -7.56
C GLU A 239 6.33 -7.93 -6.80
N LEU A 240 7.18 -7.45 -5.90
CA LEU A 240 6.88 -6.22 -5.19
C LEU A 240 6.97 -5.01 -6.11
N HIS A 241 7.87 -5.05 -7.10
CA HIS A 241 7.87 -4.01 -8.12
C HIS A 241 6.54 -3.98 -8.86
N ALA A 242 6.04 -5.15 -9.25
CA ALA A 242 4.76 -5.22 -9.95
C ALA A 242 3.62 -4.72 -9.08
N TYR A 243 3.61 -5.10 -7.81
CA TYR A 243 2.55 -4.64 -6.90
C TYR A 243 2.64 -3.15 -6.65
N ALA A 244 3.86 -2.60 -6.61
CA ALA A 244 4.02 -1.16 -6.44
C ALA A 244 3.51 -0.41 -7.66
N LYS A 245 3.75 -0.95 -8.86
CA LYS A 245 3.17 -0.35 -10.05
C LYS A 245 1.64 -0.39 -10.02
N ALA A 246 1.08 -1.51 -9.57
CA ALA A 246 -0.37 -1.61 -9.43
C ALA A 246 -0.90 -0.58 -8.43
N GLY A 247 -0.20 -0.43 -7.30
CA GLY A 247 -0.61 0.56 -6.32
C GLY A 247 -0.49 1.98 -6.81
N ALA A 248 0.52 2.26 -7.63
CA ALA A 248 0.64 3.58 -8.24
C ALA A 248 -0.53 3.86 -9.17
N VAL A 249 -0.91 2.87 -9.98
CA VAL A 249 -2.08 3.03 -10.84
C VAL A 249 -3.32 3.30 -10.00
N ALA A 250 -3.50 2.51 -8.94
CA ALA A 250 -4.67 2.68 -8.09
C ALA A 250 -4.71 4.06 -7.44
N GLU A 251 -3.56 4.52 -6.94
CA GLU A 251 -3.51 5.81 -6.27
C GLU A 251 -3.81 6.95 -7.24
N GLU A 252 -3.22 6.89 -8.44
CA GLU A 252 -3.50 7.91 -9.44
C GLU A 252 -4.98 7.93 -9.82
N VAL A 253 -5.57 6.76 -10.03
CA VAL A 253 -6.98 6.72 -10.44
C VAL A 253 -7.89 7.20 -9.33
N LEU A 254 -7.66 6.75 -8.10
CA LEU A 254 -8.55 7.09 -6.99
C LEU A 254 -8.41 8.56 -6.60
N ALA A 255 -7.21 9.12 -6.76
CA ALA A 255 -7.04 10.55 -6.50
C ALA A 255 -7.84 11.39 -7.48
N ALA A 256 -7.91 10.97 -8.74
CA ALA A 256 -8.61 11.68 -9.80
C ALA A 256 -9.92 11.00 -10.16
N ILE A 257 -10.65 10.50 -9.16
CA ILE A 257 -11.80 9.65 -9.42
C ILE A 257 -12.89 10.41 -10.18
N ARG A 258 -13.05 11.71 -9.90
CA ARG A 258 -14.07 12.50 -10.58
C ARG A 258 -13.80 12.60 -12.08
N THR A 259 -12.53 12.79 -12.45
CA THR A 259 -12.17 12.83 -13.86
C THR A 259 -12.41 11.47 -14.53
N VAL A 260 -12.10 10.38 -13.82
CA VAL A 260 -12.33 9.04 -14.35
C VAL A 260 -13.82 8.81 -14.57
N ILE A 261 -14.65 9.25 -13.62
CA ILE A 261 -16.09 9.04 -13.70
C ILE A 261 -16.69 9.88 -14.81
N ALA A 262 -16.27 11.14 -14.93
CA ALA A 262 -16.85 12.04 -15.93
C ALA A 262 -16.56 11.55 -17.34
N PHE A 263 -15.36 11.02 -17.57
CA PHE A 263 -14.96 10.57 -18.90
C PHE A 263 -15.19 9.09 -19.11
N GLY A 264 -15.83 8.40 -18.18
CA GLY A 264 -16.13 6.99 -18.34
C GLY A 264 -14.91 6.11 -18.47
N GLY A 265 -13.87 6.37 -17.68
CA GLY A 265 -12.62 5.66 -17.76
C GLY A 265 -12.46 4.48 -16.84
N GLN A 266 -13.55 3.99 -16.24
CA GLN A 266 -13.42 2.90 -15.27
C GLN A 266 -12.84 1.64 -15.90
N LYS A 267 -13.29 1.30 -17.11
CA LYS A 267 -12.82 0.08 -17.76
C LYS A 267 -11.32 0.15 -18.04
N LYS A 268 -10.84 1.28 -18.55
CA LYS A 268 -9.43 1.38 -18.93
C LYS A 268 -8.53 1.42 -17.70
N GLU A 269 -8.93 2.13 -16.65
CA GLU A 269 -8.15 2.14 -15.43
C GLU A 269 -8.10 0.76 -14.79
N LEU A 270 -9.25 0.07 -14.79
CA LEU A 270 -9.27 -1.32 -14.35
C LEU A 270 -8.34 -2.17 -15.19
N GLU A 271 -8.24 -1.87 -16.49
CA GLU A 271 -7.38 -2.66 -17.37
C GLU A 271 -5.90 -2.44 -17.07
N ARG A 272 -5.50 -1.20 -16.81
CA ARG A 272 -4.10 -0.94 -16.44
C ARG A 272 -3.76 -1.61 -15.11
N TYR A 273 -4.67 -1.47 -14.13
CA TYR A 273 -4.50 -2.18 -12.87
C TYR A 273 -4.38 -3.68 -13.10
N ASN A 274 -5.20 -4.21 -14.00
CA ASN A 274 -5.18 -5.64 -14.30
C ASN A 274 -3.87 -6.06 -14.94
N ASN A 275 -3.30 -5.22 -15.80
CA ASN A 275 -2.01 -5.54 -16.40
C ASN A 275 -0.93 -5.67 -15.34
N ASN A 276 -0.91 -4.72 -14.40
CA ASN A 276 0.05 -4.83 -13.30
C ASN A 276 -0.20 -6.08 -12.46
N LEU A 277 -1.48 -6.40 -12.21
CA LEU A 277 -1.82 -7.60 -11.45
C LEU A 277 -1.38 -8.86 -12.19
N GLU A 278 -1.51 -8.87 -13.52
CA GLU A 278 -1.04 -10.02 -14.30
C GLU A 278 0.46 -10.20 -14.21
N GLU A 279 1.21 -9.09 -14.25
CA GLU A 279 2.65 -9.20 -14.06
C GLU A 279 2.97 -9.80 -12.70
N ALA A 280 2.30 -9.31 -11.65
CA ALA A 280 2.53 -9.84 -10.31
C ALA A 280 2.16 -11.32 -10.24
N LYS A 281 1.06 -11.70 -10.87
CA LYS A 281 0.58 -13.09 -10.82
C LYS A 281 1.55 -14.03 -11.52
N ARG A 282 2.05 -13.64 -12.70
CA ARG A 282 3.00 -14.49 -13.40
C ARG A 282 4.30 -14.61 -12.60
N LEU A 283 4.74 -13.51 -11.98
CA LEU A 283 5.92 -13.60 -11.13
C LEU A 283 5.69 -14.54 -9.95
N GLY A 284 4.51 -14.48 -9.33
CA GLY A 284 4.22 -15.36 -8.21
C GLY A 284 4.16 -16.82 -8.62
N ILE A 285 3.58 -17.11 -9.78
CA ILE A 285 3.53 -18.48 -10.26
C ILE A 285 4.94 -19.00 -10.54
N LYS A 286 5.78 -18.17 -11.18
CA LYS A 286 7.16 -18.56 -11.40
C LYS A 286 7.89 -18.83 -10.10
N LYS A 287 7.67 -17.96 -9.10
CA LYS A 287 8.30 -18.16 -7.79
C LYS A 287 7.88 -19.48 -7.18
N ALA A 288 6.57 -19.78 -7.22
CA ALA A 288 6.09 -21.04 -6.65
C ALA A 288 6.69 -22.24 -7.37
N ILE A 289 6.73 -22.21 -8.70
CA ILE A 289 7.25 -23.35 -9.45
C ILE A 289 8.72 -23.58 -9.12
N THR A 290 9.53 -22.53 -9.18
CA THR A 290 10.97 -22.70 -8.95
C THR A 290 11.24 -23.12 -7.51
N ALA A 291 10.57 -22.48 -6.54
CA ALA A 291 10.79 -22.83 -5.13
C ALA A 291 10.42 -24.29 -4.88
N ASN A 292 9.29 -24.73 -5.42
CA ASN A 292 8.82 -26.07 -5.11
C ASN A 292 9.66 -27.13 -5.83
N ILE A 293 10.14 -26.84 -7.05
CA ILE A 293 11.01 -27.81 -7.71
C ILE A 293 12.34 -27.92 -6.97
N SER A 294 12.84 -26.79 -6.44
CA SER A 294 14.05 -26.86 -5.62
C SER A 294 13.82 -27.70 -4.37
N MET A 295 12.69 -27.50 -3.68
CA MET A 295 12.43 -28.26 -2.46
C MET A 295 12.24 -29.74 -2.76
N GLY A 296 11.57 -30.06 -3.87
CA GLY A 296 11.40 -31.45 -4.25
C GLY A 296 12.72 -32.13 -4.57
N ALA A 297 13.60 -31.43 -5.29
CA ALA A 297 14.94 -31.97 -5.51
C ALA A 297 15.68 -32.16 -4.19
N ALA A 298 15.49 -31.23 -3.25
CA ALA A 298 16.13 -31.35 -1.95
C ALA A 298 15.70 -32.62 -1.23
N PHE A 299 14.39 -32.91 -1.22
CA PHE A 299 13.94 -34.13 -0.56
C PHE A 299 14.32 -35.39 -1.33
N LEU A 300 14.39 -35.33 -2.66
CA LEU A 300 14.91 -36.46 -3.42
C LEU A 300 16.34 -36.77 -2.98
N LEU A 301 17.17 -35.73 -2.86
CA LEU A 301 18.53 -35.92 -2.38
C LEU A 301 18.57 -36.45 -0.96
N ILE A 302 17.72 -35.93 -0.07
CA ILE A 302 17.77 -36.35 1.33
C ILE A 302 17.36 -37.80 1.48
N TYR A 303 16.38 -38.26 0.69
CA TYR A 303 16.01 -39.67 0.77
C TYR A 303 17.02 -40.58 0.09
N ALA A 304 17.68 -40.11 -0.97
CA ALA A 304 18.80 -40.88 -1.51
C ALA A 304 19.90 -41.04 -0.46
N SER A 305 20.18 -39.97 0.28
CA SER A 305 21.14 -40.04 1.38
C SER A 305 20.66 -41.01 2.46
N TYR A 306 19.37 -40.99 2.78
CA TYR A 306 18.81 -41.93 3.74
C TYR A 306 19.05 -43.37 3.28
N ALA A 307 18.82 -43.63 2.00
CA ALA A 307 18.98 -44.98 1.48
C ALA A 307 20.43 -45.43 1.53
N LEU A 308 21.35 -44.56 1.13
CA LEU A 308 22.78 -44.92 1.19
C LEU A 308 23.22 -45.14 2.63
N ALA A 309 22.76 -44.28 3.55
CA ALA A 309 23.11 -44.44 4.96
C ALA A 309 22.54 -45.74 5.52
N PHE A 310 21.32 -46.10 5.12
CA PHE A 310 20.73 -47.34 5.59
C PHE A 310 21.49 -48.54 5.07
N TRP A 311 21.93 -48.50 3.82
CA TRP A 311 22.78 -49.56 3.29
C TRP A 311 24.08 -49.67 4.07
N TYR A 312 24.70 -48.53 4.36
CA TYR A 312 25.95 -48.54 5.12
C TYR A 312 25.73 -49.11 6.53
N GLY A 313 24.64 -48.71 7.17
CA GLY A 313 24.34 -49.23 8.50
C GLY A 313 24.04 -50.71 8.50
N THR A 314 23.35 -51.19 7.46
CA THR A 314 23.12 -52.63 7.31
C THR A 314 24.43 -53.36 7.15
N SER A 315 25.34 -52.83 6.34
CA SER A 315 26.64 -53.46 6.16
C SER A 315 27.39 -53.53 7.50
N LEU A 316 27.37 -52.44 8.26
CA LEU A 316 28.06 -52.42 9.55
C LEU A 316 27.44 -53.41 10.53
N VAL A 317 26.11 -53.45 10.61
CA VAL A 317 25.45 -54.31 11.59
C VAL A 317 25.60 -55.78 11.21
N ILE A 318 25.63 -56.09 9.91
CA ILE A 318 25.91 -57.46 9.48
C ILE A 318 27.36 -57.82 9.79
N SER A 319 28.27 -56.88 9.63
CA SER A 319 29.67 -57.11 9.95
C SER A 319 29.90 -57.26 11.46
N LYS A 320 28.89 -56.98 12.27
CA LYS A 320 28.90 -57.04 13.74
C LYS A 320 29.76 -55.95 14.35
N GLU A 321 30.29 -55.02 13.55
CA GLU A 321 30.99 -53.87 14.12
C GLU A 321 30.02 -52.96 14.86
N TYR A 322 28.76 -52.96 14.41
CA TYR A 322 27.74 -52.10 15.07
C TYR A 322 26.59 -52.97 15.58
N SER A 323 26.20 -52.79 16.84
CA SER A 323 25.02 -53.47 17.36
C SER A 323 23.77 -52.89 16.71
N ILE A 324 22.70 -53.69 16.71
CA ILE A 324 21.45 -53.26 16.10
C ILE A 324 20.91 -52.03 16.82
N GLY A 325 21.06 -52.00 18.15
CA GLY A 325 20.63 -50.83 18.90
C GLY A 325 21.41 -49.58 18.55
N GLN A 326 22.70 -49.74 18.25
CA GLN A 326 23.53 -48.58 17.90
C GLN A 326 23.05 -47.94 16.60
N VAL A 327 22.84 -48.76 15.56
CA VAL A 327 22.33 -48.24 14.29
C VAL A 327 20.93 -47.66 14.48
N LEU A 328 20.10 -48.35 15.26
CA LEU A 328 18.77 -47.82 15.58
C LEU A 328 18.87 -46.42 16.17
N THR A 329 19.72 -46.25 17.19
CA THR A 329 19.84 -44.96 17.86
C THR A 329 20.31 -43.88 16.91
N VAL A 330 21.40 -44.14 16.19
CA VAL A 330 21.98 -43.11 15.34
C VAL A 330 21.00 -42.73 14.23
N PHE A 331 20.33 -43.74 13.65
CA PHE A 331 19.38 -43.47 12.58
C PHE A 331 18.22 -42.62 13.08
N PHE A 332 17.65 -42.99 14.22
CA PHE A 332 16.47 -42.28 14.71
C PHE A 332 16.84 -40.84 15.12
N SER A 333 18.01 -40.68 15.75
CA SER A 333 18.45 -39.36 16.19
C SER A 333 18.72 -38.44 15.00
N VAL A 334 19.38 -38.95 13.95
CA VAL A 334 19.62 -38.08 12.80
C VAL A 334 18.33 -37.84 12.04
N CYS A 335 17.40 -38.80 12.06
CA CYS A 335 16.14 -38.64 11.34
C CYS A 335 15.33 -37.50 11.93
N ILE A 336 15.25 -37.40 13.26
CA ILE A 336 14.42 -36.32 13.81
C ILE A 336 15.05 -34.96 13.52
N GLY A 337 16.38 -34.87 13.56
CA GLY A 337 17.03 -33.61 13.25
C GLY A 337 16.83 -33.20 11.80
N ALA A 338 16.93 -34.16 10.89
CA ALA A 338 16.67 -33.86 9.49
C ALA A 338 15.22 -33.43 9.28
N PHE A 339 14.28 -34.06 10.00
CA PHE A 339 12.89 -33.66 9.90
C PHE A 339 12.68 -32.23 10.39
N SER A 340 13.36 -31.87 11.48
CA SER A 340 13.30 -30.49 11.95
C SER A 340 13.86 -29.52 10.93
N VAL A 341 14.97 -29.88 10.29
CA VAL A 341 15.53 -29.03 9.23
C VAL A 341 14.52 -28.88 8.09
N GLY A 342 13.87 -29.97 7.70
CA GLY A 342 12.87 -29.89 6.66
C GLY A 342 11.70 -28.99 7.02
N GLN A 343 11.23 -29.07 8.26
CA GLN A 343 10.16 -28.19 8.72
C GLN A 343 10.60 -26.75 8.90
N ALA A 344 11.91 -26.49 8.94
CA ALA A 344 12.41 -25.12 9.05
C ALA A 344 12.29 -24.33 7.74
N SER A 345 11.90 -24.97 6.64
CA SER A 345 11.89 -24.30 5.34
C SER A 345 10.99 -23.06 5.26
N PRO A 346 9.76 -23.05 5.79
CA PRO A 346 8.97 -21.80 5.71
C PRO A 346 9.64 -20.61 6.37
N ASN A 347 10.42 -20.83 7.43
CA ASN A 347 11.14 -19.73 8.06
C ASN A 347 12.20 -19.16 7.13
N ILE A 348 12.93 -20.02 6.42
CA ILE A 348 13.91 -19.56 5.45
C ILE A 348 13.21 -18.82 4.31
N GLU A 349 12.03 -19.31 3.91
CA GLU A 349 11.25 -18.61 2.88
C GLU A 349 10.86 -17.22 3.34
N ALA A 350 10.42 -17.09 4.59
CA ALA A 350 10.05 -15.78 5.12
C ALA A 350 11.25 -14.85 5.20
N PHE A 351 12.41 -15.38 5.61
CA PHE A 351 13.61 -14.57 5.65
C PHE A 351 14.02 -14.09 4.25
N ALA A 352 13.91 -14.97 3.26
CA ALA A 352 14.22 -14.59 1.89
C ALA A 352 13.25 -13.53 1.37
N ASN A 353 11.98 -13.67 1.72
CA ASN A 353 10.99 -12.67 1.32
C ASN A 353 11.28 -11.32 1.98
N ALA A 354 11.71 -11.34 3.24
CA ALA A 354 12.09 -10.10 3.91
C ALA A 354 13.29 -9.45 3.23
N ARG A 355 14.28 -10.25 2.84
CA ARG A 355 15.42 -9.71 2.12
C ARG A 355 15.00 -9.11 0.78
N GLY A 356 14.10 -9.80 0.08
CA GLY A 356 13.60 -9.25 -1.19
C GLY A 356 12.82 -7.98 -1.00
N ALA A 357 12.11 -7.85 0.13
CA ALA A 357 11.33 -6.65 0.39
C ALA A 357 12.19 -5.48 0.83
N ALA A 358 13.32 -5.75 1.49
CA ALA A 358 14.12 -4.67 2.05
C ALA A 358 14.85 -3.85 1.00
N TYR A 359 14.98 -4.38 -0.23
CA TYR A 359 15.84 -3.75 -1.24
C TYR A 359 15.42 -2.31 -1.51
N GLU A 360 14.20 -2.13 -2.02
CA GLU A 360 13.76 -0.79 -2.42
C GLU A 360 13.64 0.14 -1.22
N VAL A 361 13.16 -0.37 -0.09
CA VAL A 361 12.98 0.46 1.09
C VAL A 361 14.31 1.05 1.55
N PHE A 362 15.32 0.19 1.69
CA PHE A 362 16.60 0.70 2.20
C PHE A 362 17.38 1.43 1.12
N LYS A 363 17.08 1.16 -0.16
CA LYS A 363 17.64 1.97 -1.23
C LYS A 363 17.14 3.41 -1.14
N ILE A 364 15.84 3.59 -0.89
CA ILE A 364 15.31 4.94 -0.72
C ILE A 364 15.85 5.57 0.56
N ILE A 365 15.92 4.78 1.64
CA ILE A 365 16.42 5.30 2.91
C ILE A 365 17.86 5.78 2.77
N ASP A 366 18.67 5.07 1.98
CA ASP A 366 20.08 5.42 1.84
C ASP A 366 20.29 6.61 0.91
N ASN A 367 19.26 7.02 0.16
CA ASN A 367 19.41 8.16 -0.74
C ASN A 367 19.54 9.46 0.04
N LYS A 368 20.44 10.33 -0.42
CA LYS A 368 20.73 11.59 0.24
C LYS A 368 20.46 12.74 -0.72
N PRO A 369 19.69 13.75 -0.33
CA PRO A 369 19.42 14.87 -1.24
C PRO A 369 20.51 15.92 -1.20
N SER A 370 20.67 16.60 -2.34
CA SER A 370 21.62 17.72 -2.40
C SER A 370 21.08 18.93 -1.65
N ILE A 371 19.81 19.26 -1.85
CA ILE A 371 19.15 20.32 -1.09
C ILE A 371 18.47 19.70 0.11
N ASP A 372 19.18 19.65 1.24
CA ASP A 372 18.67 18.98 2.42
C ASP A 372 17.88 19.96 3.28
N SER A 373 16.57 19.72 3.39
CA SER A 373 15.69 20.54 4.21
C SER A 373 15.77 20.19 5.69
N PHE A 374 16.36 19.05 6.04
CA PHE A 374 16.54 18.65 7.42
C PHE A 374 17.92 18.96 7.96
N SER A 375 18.81 19.53 7.15
CA SER A 375 20.15 19.87 7.61
C SER A 375 20.09 21.05 8.57
N LYS A 376 20.98 21.04 9.55
CA LYS A 376 21.13 22.14 10.49
C LYS A 376 22.21 23.13 10.07
N SER A 377 22.90 22.87 8.96
CA SER A 377 23.93 23.77 8.47
C SER A 377 23.30 24.92 7.67
N GLY A 378 24.13 25.89 7.34
CA GLY A 378 23.67 27.06 6.61
C GLY A 378 23.47 28.24 7.51
N HIS A 379 23.44 29.43 6.91
CA HIS A 379 23.31 30.65 7.68
C HIS A 379 21.85 30.97 7.97
N LYS A 380 21.61 31.60 9.12
CA LYS A 380 20.28 32.05 9.52
C LYS A 380 20.39 33.50 9.95
N PRO A 381 20.33 34.44 9.00
CA PRO A 381 20.50 35.86 9.33
C PRO A 381 19.46 36.33 10.34
N ASP A 382 19.91 37.17 11.28
CA ASP A 382 19.02 37.65 12.33
C ASP A 382 17.96 38.60 11.78
N ASN A 383 18.38 39.59 11.00
CA ASN A 383 17.48 40.58 10.42
C ASN A 383 17.68 40.59 8.92
N ILE A 384 16.60 40.37 8.17
CA ILE A 384 16.64 40.32 6.71
C ILE A 384 15.75 41.42 6.17
N GLN A 385 16.34 42.33 5.39
CA GLN A 385 15.58 43.31 4.62
C GLN A 385 15.63 42.88 3.15
N GLY A 386 14.64 42.08 2.75
CA GLY A 386 14.69 41.32 1.52
C GLY A 386 15.08 42.07 0.27
N ASN A 387 16.27 41.76 -0.25
CA ASN A 387 16.75 42.31 -1.53
C ASN A 387 17.01 41.12 -2.44
N LEU A 388 15.96 40.75 -3.18
CA LEU A 388 15.98 39.53 -3.98
C LEU A 388 16.72 39.79 -5.29
N GLU A 389 17.62 38.90 -5.66
CA GLU A 389 18.36 39.03 -6.91
C GLU A 389 18.43 37.70 -7.63
N PHE A 390 18.05 37.69 -8.90
CA PHE A 390 18.29 36.58 -9.81
C PHE A 390 19.32 37.06 -10.83
N LYS A 391 20.51 36.44 -10.82
CA LYS A 391 21.60 36.86 -11.67
C LYS A 391 21.96 35.75 -12.65
N ASN A 392 21.74 36.00 -13.93
CA ASN A 392 22.19 35.13 -15.02
C ASN A 392 21.67 33.70 -14.81
N ILE A 393 20.39 33.61 -14.47
CA ILE A 393 19.80 32.33 -14.08
C ILE A 393 19.53 31.50 -15.32
N HIS A 394 20.11 30.29 -15.35
CA HIS A 394 19.82 29.29 -16.36
C HIS A 394 19.22 28.08 -15.68
N PHE A 395 18.06 27.63 -16.16
CA PHE A 395 17.41 26.49 -15.53
C PHE A 395 16.78 25.59 -16.57
N SER A 396 16.95 24.28 -16.37
CA SER A 396 16.22 23.25 -17.10
C SER A 396 15.71 22.25 -16.08
N TYR A 397 14.45 21.86 -16.21
CA TYR A 397 13.85 20.95 -15.23
C TYR A 397 14.51 19.58 -15.31
N PRO A 398 14.64 18.88 -14.17
CA PRO A 398 15.31 17.56 -14.20
C PRO A 398 14.64 16.54 -15.10
N SER A 399 13.32 16.56 -15.20
CA SER A 399 12.63 15.54 -15.98
C SER A 399 12.58 15.88 -17.47
N ARG A 400 12.90 17.12 -17.83
CA ARG A 400 12.92 17.57 -19.22
C ARG A 400 14.18 18.41 -19.44
N LYS A 401 15.33 17.83 -19.06
CA LYS A 401 16.57 18.59 -19.02
C LYS A 401 16.98 19.12 -20.40
N GLU A 402 16.48 18.51 -21.46
CA GLU A 402 16.82 18.98 -22.80
C GLU A 402 16.20 20.34 -23.10
N VAL A 403 15.16 20.72 -22.37
CA VAL A 403 14.43 21.96 -22.65
C VAL A 403 14.94 23.06 -21.72
N GLN A 404 15.28 24.21 -22.32
CA GLN A 404 15.72 25.38 -21.57
C GLN A 404 14.51 26.23 -21.23
N ILE A 405 14.33 26.53 -19.96
CA ILE A 405 13.21 27.35 -19.50
C ILE A 405 13.65 28.79 -19.26
N LEU A 406 14.72 28.98 -18.49
CA LEU A 406 15.30 30.28 -18.22
C LEU A 406 16.70 30.34 -18.83
N LYS A 407 16.99 31.44 -19.53
CA LYS A 407 18.25 31.59 -20.25
C LYS A 407 18.88 32.93 -19.86
N GLY A 408 19.63 32.94 -18.76
CA GLY A 408 20.21 34.16 -18.26
C GLY A 408 19.20 35.14 -17.70
N LEU A 409 18.21 34.65 -16.97
CA LEU A 409 17.22 35.53 -16.35
C LEU A 409 17.87 36.42 -15.31
N ASN A 410 17.52 37.71 -15.36
CA ASN A 410 18.03 38.72 -14.43
C ASN A 410 16.86 39.49 -13.86
N LEU A 411 16.81 39.62 -12.54
CA LEU A 411 15.72 40.32 -11.89
C LEU A 411 16.18 40.84 -10.54
N LYS A 412 15.71 42.03 -10.17
CA LYS A 412 16.05 42.61 -8.88
C LYS A 412 14.78 43.11 -8.21
N VAL A 413 14.61 42.77 -6.94
CA VAL A 413 13.46 43.19 -6.14
C VAL A 413 14.00 43.86 -4.89
N LYS A 414 13.69 45.13 -4.70
CA LYS A 414 14.13 45.88 -3.53
C LYS A 414 13.18 45.63 -2.36
N SER A 415 13.65 45.97 -1.17
CA SER A 415 12.88 45.73 0.04
C SER A 415 11.62 46.59 0.05
N GLY A 416 10.49 45.94 0.37
CA GLY A 416 9.22 46.62 0.42
C GLY A 416 8.60 46.92 -0.92
N GLN A 417 9.17 46.41 -2.00
CA GLN A 417 8.68 46.67 -3.35
C GLN A 417 7.91 45.47 -3.87
N THR A 418 6.96 45.73 -4.77
CA THR A 418 6.15 44.69 -5.37
C THR A 418 6.55 44.53 -6.84
N VAL A 419 6.90 43.30 -7.22
CA VAL A 419 7.22 42.97 -8.60
C VAL A 419 6.12 42.08 -9.16
N ALA A 420 5.69 42.39 -10.37
CA ALA A 420 4.65 41.63 -11.06
C ALA A 420 5.25 40.97 -12.29
N LEU A 421 5.27 39.64 -12.30
CA LEU A 421 5.78 38.89 -13.43
C LEU A 421 4.65 38.65 -14.42
N VAL A 422 4.77 39.23 -15.60
CA VAL A 422 3.75 39.09 -16.65
C VAL A 422 4.38 38.37 -17.83
N GLY A 423 3.52 37.78 -18.65
CA GLY A 423 3.99 37.07 -19.83
C GLY A 423 3.08 35.95 -20.27
N ASN A 424 3.48 35.25 -21.33
CA ASN A 424 2.67 34.15 -21.85
C ASN A 424 2.86 32.89 -21.00
N SER A 425 1.90 31.98 -21.11
CA SER A 425 1.94 30.74 -20.37
C SER A 425 3.13 29.89 -20.79
N GLY A 426 3.82 29.31 -19.81
CA GLY A 426 5.01 28.53 -20.05
C GLY A 426 6.29 29.33 -20.17
N GLY A 427 6.25 30.64 -19.89
CA GLY A 427 7.44 31.46 -20.01
C GLY A 427 8.45 31.23 -18.90
N GLY A 428 8.02 30.69 -17.77
CA GLY A 428 8.91 30.41 -16.66
C GLY A 428 8.70 31.25 -15.42
N LYS A 429 7.54 31.88 -15.27
CA LYS A 429 7.29 32.71 -14.09
C LYS A 429 7.15 31.83 -12.84
N SER A 430 6.33 30.78 -12.93
CA SER A 430 6.24 29.83 -11.82
C SER A 430 7.57 29.12 -11.60
N THR A 431 8.36 28.94 -12.66
CA THR A 431 9.69 28.40 -12.50
C THR A 431 10.55 29.30 -11.63
N THR A 432 10.46 30.62 -11.88
CA THR A 432 11.19 31.58 -11.05
C THR A 432 10.70 31.54 -9.61
N VAL A 433 9.38 31.41 -9.41
CA VAL A 433 8.83 31.33 -8.06
C VAL A 433 9.36 30.08 -7.34
N GLN A 434 9.40 28.95 -8.04
CA GLN A 434 9.92 27.73 -7.44
C GLN A 434 11.41 27.84 -7.14
N LEU A 435 12.16 28.54 -8.00
CA LEU A 435 13.58 28.71 -7.77
C LEU A 435 13.87 29.64 -6.60
N MET A 436 12.96 30.59 -6.35
CA MET A 436 13.14 31.51 -5.23
C MET A 436 13.16 30.76 -3.90
N GLN A 437 12.25 29.80 -3.73
CA GLN A 437 12.19 28.97 -2.54
C GLN A 437 13.11 27.76 -2.63
N ARG A 438 13.97 27.71 -3.65
CA ARG A 438 14.99 26.67 -3.79
C ARG A 438 14.39 25.26 -3.77
N LEU A 439 13.35 25.06 -4.57
CA LEU A 439 12.89 23.71 -4.85
C LEU A 439 13.84 23.00 -5.81
N TYR A 440 14.52 23.77 -6.66
CA TYR A 440 15.57 23.28 -7.54
C TYR A 440 16.73 24.25 -7.46
N ASP A 441 17.91 23.78 -7.84
CA ASP A 441 19.03 24.71 -7.98
C ASP A 441 19.17 25.16 -9.43
N PRO A 442 19.55 26.41 -9.68
CA PRO A 442 19.80 26.85 -11.05
C PRO A 442 21.01 26.15 -11.64
N LEU A 443 20.95 25.91 -12.95
CA LEU A 443 22.12 25.37 -13.65
C LEU A 443 23.26 26.37 -13.68
N ASP A 444 22.96 27.63 -13.96
CA ASP A 444 23.91 28.73 -13.89
C ASP A 444 23.22 29.91 -13.23
N GLY A 445 24.03 30.88 -12.80
CA GLY A 445 23.48 32.04 -12.14
C GLY A 445 23.27 31.80 -10.64
N MET A 446 22.78 32.84 -9.98
CA MET A 446 22.66 32.79 -8.54
C MET A 446 21.38 33.50 -8.11
N VAL A 447 20.69 32.90 -7.14
CA VAL A 447 19.56 33.51 -6.46
C VAL A 447 20.06 33.95 -5.09
N SER A 448 19.89 35.22 -4.78
CA SER A 448 20.49 35.82 -3.60
C SER A 448 19.48 36.65 -2.83
N ILE A 449 19.63 36.65 -1.51
CA ILE A 449 18.88 37.52 -0.60
C ILE A 449 19.89 38.43 0.08
N ASP A 450 19.76 39.74 -0.12
CA ASP A 450 20.66 40.73 0.47
C ASP A 450 22.11 40.47 0.11
N GLY A 451 22.36 40.03 -1.13
CA GLY A 451 23.71 39.77 -1.59
C GLY A 451 24.28 38.44 -1.17
N GLN A 452 23.52 37.60 -0.48
CA GLN A 452 23.99 36.32 0.01
C GLN A 452 23.32 35.20 -0.78
N ASP A 453 24.13 34.26 -1.27
CA ASP A 453 23.60 33.12 -2.01
C ASP A 453 22.65 32.31 -1.13
N ILE A 454 21.50 31.93 -1.69
CA ILE A 454 20.53 31.16 -0.93
C ILE A 454 20.96 29.72 -0.79
N ARG A 455 22.00 29.29 -1.52
CA ARG A 455 22.55 27.96 -1.31
C ARG A 455 23.31 27.88 0.01
N THR A 456 23.85 29.00 0.48
CA THR A 456 24.57 29.04 1.74
C THR A 456 23.63 29.27 2.93
N ILE A 457 22.37 29.59 2.69
CA ILE A 457 21.41 29.76 3.76
C ILE A 457 20.81 28.42 4.13
N ASN A 458 20.45 28.25 5.40
CA ASN A 458 19.75 27.05 5.84
C ASN A 458 18.44 26.90 5.08
N VAL A 459 18.19 25.69 4.57
CA VAL A 459 17.04 25.45 3.72
C VAL A 459 15.74 25.68 4.48
N ARG A 460 15.63 25.11 5.69
CA ARG A 460 14.42 25.28 6.49
C ARG A 460 14.21 26.74 6.84
N TYR A 461 15.27 27.44 7.24
CA TYR A 461 15.15 28.86 7.56
C TYR A 461 14.76 29.67 6.33
N LEU A 462 15.34 29.35 5.18
CA LEU A 462 15.01 30.08 3.95
C LEU A 462 13.54 29.90 3.60
N ARG A 463 13.04 28.67 3.69
CA ARG A 463 11.65 28.42 3.32
C ARG A 463 10.67 28.87 4.40
N GLU A 464 11.13 29.07 5.63
CA GLU A 464 10.23 29.53 6.70
C GLU A 464 9.89 31.00 6.56
N ILE A 465 10.83 31.82 6.06
CA ILE A 465 10.55 33.23 5.82
C ILE A 465 9.87 33.48 4.49
N ILE A 466 9.49 32.42 3.78
CA ILE A 466 8.75 32.52 2.52
C ILE A 466 7.30 32.14 2.78
N GLY A 467 6.38 33.02 2.41
CA GLY A 467 4.97 32.67 2.31
C GLY A 467 4.61 32.58 0.83
N VAL A 468 3.94 31.48 0.47
CA VAL A 468 3.69 31.17 -0.94
C VAL A 468 2.24 30.73 -1.11
N VAL A 469 1.59 31.28 -2.14
CA VAL A 469 0.32 30.77 -2.63
C VAL A 469 0.57 30.31 -4.07
N SER A 470 0.29 29.05 -4.34
CA SER A 470 0.65 28.46 -5.62
C SER A 470 -0.41 28.73 -6.69
N GLN A 471 -0.11 28.34 -7.93
CA GLN A 471 -1.06 28.63 -9.03
C GLN A 471 -2.39 27.93 -8.72
N GLU A 472 -2.34 26.65 -8.36
CA GLU A 472 -3.57 25.95 -8.00
C GLU A 472 -3.46 25.48 -6.56
N PRO A 473 -4.04 26.20 -5.61
CA PRO A 473 -3.84 25.86 -4.19
C PRO A 473 -4.33 24.47 -3.85
N VAL A 474 -3.66 23.82 -2.92
CA VAL A 474 -4.00 22.49 -2.44
C VAL A 474 -4.09 22.53 -0.93
N LEU A 475 -5.20 22.05 -0.38
CA LEU A 475 -5.38 21.91 1.05
C LEU A 475 -5.18 20.46 1.47
N PHE A 476 -5.38 20.20 2.75
CA PHE A 476 -5.20 18.88 3.32
C PHE A 476 -6.50 18.41 3.96
N ALA A 477 -6.67 17.09 4.01
CA ALA A 477 -7.92 16.50 4.50
C ALA A 477 -8.01 16.63 6.02
N THR A 478 -8.30 17.86 6.44
CA THR A 478 -8.47 18.20 7.85
C THR A 478 -9.33 19.45 7.94
N THR A 479 -9.37 20.04 9.13
CA THR A 479 -10.23 21.21 9.34
C THR A 479 -9.59 22.46 8.75
N ILE A 480 -10.41 23.51 8.63
CA ILE A 480 -9.93 24.79 8.12
C ILE A 480 -8.86 25.36 9.05
N ALA A 481 -9.10 25.29 10.36
CA ALA A 481 -8.13 25.80 11.32
C ALA A 481 -6.82 25.04 11.24
N GLU A 482 -6.90 23.71 11.10
CA GLU A 482 -5.68 22.92 10.97
C GLU A 482 -4.97 23.21 9.65
N ASN A 483 -5.73 23.46 8.59
CA ASN A 483 -5.12 23.82 7.31
C ASN A 483 -4.36 25.13 7.41
N ILE A 484 -4.96 26.13 8.07
CA ILE A 484 -4.28 27.41 8.25
C ILE A 484 -3.08 27.24 9.19
N ARG A 485 -3.20 26.33 10.16
CA ARG A 485 -2.11 26.12 11.15
C ARG A 485 -0.90 25.45 10.51
N TYR A 486 -1.03 24.93 9.29
CA TYR A 486 0.15 24.39 8.62
C TYR A 486 1.09 25.48 8.14
N GLY A 487 0.59 26.70 7.93
CA GLY A 487 1.45 27.82 7.63
C GLY A 487 2.36 28.17 8.79
N ARG A 488 1.78 28.23 10.00
CA ARG A 488 2.55 28.44 11.21
C ARG A 488 1.88 27.68 12.33
N GLU A 489 2.66 26.84 13.02
CA GLU A 489 2.07 25.91 13.98
C GLU A 489 1.49 26.61 15.21
N ASP A 490 2.25 27.54 15.80
CA ASP A 490 1.86 28.16 17.06
C ASP A 490 0.95 29.37 16.87
N VAL A 491 0.27 29.48 15.73
CA VAL A 491 -0.60 30.62 15.49
C VAL A 491 -1.84 30.51 16.37
N THR A 492 -2.23 31.62 16.97
CA THR A 492 -3.41 31.63 17.84
C THR A 492 -4.67 31.88 17.01
N MET A 493 -5.82 31.65 17.64
CA MET A 493 -7.09 31.77 16.93
C MET A 493 -7.37 33.23 16.57
N ASP A 494 -6.87 34.18 17.36
CA ASP A 494 -7.04 35.59 17.01
C ASP A 494 -6.30 35.93 15.72
N GLU A 495 -5.07 35.44 15.58
CA GLU A 495 -4.33 35.67 14.35
C GLU A 495 -4.94 34.92 13.16
N ILE A 496 -5.51 33.74 13.40
CA ILE A 496 -6.20 33.01 12.34
C ILE A 496 -7.41 33.83 11.87
N GLU A 497 -8.16 34.39 12.82
CA GLU A 497 -9.30 35.24 12.46
C GLU A 497 -8.84 36.47 11.69
N LYS A 498 -7.73 37.09 12.12
CA LYS A 498 -7.23 38.25 11.41
C LYS A 498 -6.82 37.90 9.98
N ALA A 499 -6.19 36.74 9.80
CA ALA A 499 -5.78 36.32 8.47
C ALA A 499 -6.98 36.03 7.57
N VAL A 500 -7.99 35.32 8.10
CA VAL A 500 -9.13 35.00 7.26
C VAL A 500 -9.97 36.25 6.99
N LYS A 501 -9.89 37.26 7.86
CA LYS A 501 -10.48 38.55 7.53
C LYS A 501 -9.70 39.23 6.41
N GLU A 502 -8.37 39.15 6.46
CA GLU A 502 -7.57 39.71 5.37
C GLU A 502 -7.73 38.89 4.10
N ALA A 503 -7.97 37.58 4.23
CA ALA A 503 -8.18 36.73 3.07
C ALA A 503 -9.62 36.72 2.57
N ASN A 504 -10.51 37.46 3.24
CA ASN A 504 -11.93 37.51 2.89
C ASN A 504 -12.57 36.13 2.95
N ALA A 505 -12.07 35.29 3.85
CA ALA A 505 -12.66 33.98 4.10
C ALA A 505 -13.47 33.94 5.39
N TYR A 506 -13.48 35.04 6.15
CA TYR A 506 -14.13 35.07 7.45
C TYR A 506 -15.62 34.79 7.35
N ASP A 507 -16.28 35.42 6.38
CA ASP A 507 -17.74 35.40 6.33
C ASP A 507 -18.28 34.01 6.04
N PHE A 508 -17.75 33.34 5.02
CA PHE A 508 -18.29 32.03 4.67
C PHE A 508 -17.90 30.98 5.69
N ILE A 509 -16.76 31.17 6.37
CA ILE A 509 -16.38 30.25 7.45
C ILE A 509 -17.35 30.38 8.62
N MET A 510 -17.67 31.62 9.02
CA MET A 510 -18.61 31.81 10.11
C MET A 510 -20.02 31.40 9.72
N LYS A 511 -20.36 31.51 8.43
CA LYS A 511 -21.71 31.16 7.99
C LYS A 511 -21.99 29.68 8.13
N LEU A 512 -21.03 28.83 7.78
CA LEU A 512 -21.26 27.39 7.77
C LEU A 512 -21.12 26.81 9.18
N PRO A 513 -21.83 25.72 9.48
CA PRO A 513 -21.69 25.09 10.79
C PRO A 513 -20.35 24.39 10.94
N HIS A 514 -19.97 24.15 12.19
CA HIS A 514 -18.67 23.64 12.65
C HIS A 514 -17.57 24.69 12.52
N GLN A 515 -17.87 25.85 11.94
CA GLN A 515 -17.02 27.05 12.02
C GLN A 515 -15.66 26.73 11.42
N PHE A 516 -14.56 26.90 12.16
CA PHE A 516 -13.24 26.53 11.67
C PHE A 516 -12.95 25.04 11.78
N ASP A 517 -13.81 24.30 12.48
CA ASP A 517 -13.61 22.88 12.70
C ASP A 517 -14.23 22.02 11.60
N THR A 518 -14.85 22.65 10.61
CA THR A 518 -15.36 21.90 9.46
C THR A 518 -14.20 21.30 8.68
N LEU A 519 -14.31 20.02 8.35
CA LEU A 519 -13.20 19.35 7.68
C LEU A 519 -13.37 19.42 6.17
N VAL A 520 -12.36 19.97 5.50
CA VAL A 520 -12.37 20.09 4.06
C VAL A 520 -12.03 18.73 3.47
N GLY A 521 -12.29 18.59 2.18
CA GLY A 521 -12.08 17.32 1.53
C GLY A 521 -10.61 17.05 1.25
N GLU A 522 -10.37 15.93 0.58
CA GLU A 522 -9.04 15.62 0.09
C GLU A 522 -8.64 16.66 -0.96
N ARG A 523 -7.50 17.31 -0.75
CA ARG A 523 -7.02 18.43 -1.53
C ARG A 523 -7.95 19.64 -1.46
N GLY A 524 -8.79 19.72 -0.43
CA GLY A 524 -9.76 20.80 -0.33
C GLY A 524 -10.91 20.70 -1.30
N ALA A 525 -11.32 19.48 -1.67
CA ALA A 525 -12.33 19.30 -2.70
C ALA A 525 -13.74 19.64 -2.24
N GLN A 526 -13.99 19.67 -0.93
CA GLN A 526 -15.31 19.97 -0.41
C GLN A 526 -15.50 21.46 -0.15
N LEU A 527 -14.68 22.31 -0.78
CA LEU A 527 -14.89 23.74 -0.82
C LEU A 527 -14.95 24.18 -2.27
N SER A 528 -15.54 25.34 -2.51
CA SER A 528 -15.47 25.92 -3.83
C SER A 528 -14.04 26.39 -4.10
N GLY A 529 -13.76 26.64 -5.38
CA GLY A 529 -12.41 27.04 -5.76
C GLY A 529 -11.96 28.31 -5.08
N GLY A 530 -12.83 29.32 -5.04
CA GLY A 530 -12.49 30.56 -4.38
C GLY A 530 -12.31 30.40 -2.88
N GLN A 531 -13.13 29.56 -2.25
CA GLN A 531 -12.97 29.32 -0.82
C GLN A 531 -11.62 28.66 -0.52
N LYS A 532 -11.23 27.68 -1.33
CA LYS A 532 -9.95 27.02 -1.16
C LYS A 532 -8.80 28.00 -1.39
N GLN A 533 -8.92 28.85 -2.41
CA GLN A 533 -7.88 29.84 -2.67
C GLN A 533 -7.74 30.83 -1.52
N ARG A 534 -8.85 31.27 -0.96
CA ARG A 534 -8.79 32.20 0.17
C ARG A 534 -8.22 31.53 1.41
N ILE A 535 -8.54 30.25 1.62
CA ILE A 535 -7.94 29.52 2.73
C ILE A 535 -6.43 29.44 2.55
N ALA A 536 -5.96 29.16 1.34
CA ALA A 536 -4.52 29.12 1.09
C ALA A 536 -3.89 30.49 1.29
N ILE A 537 -4.59 31.56 0.92
CA ILE A 537 -4.09 32.91 1.15
C ILE A 537 -3.90 33.15 2.64
N ALA A 538 -4.89 32.78 3.45
CA ALA A 538 -4.78 32.96 4.90
C ALA A 538 -3.66 32.10 5.48
N ARG A 539 -3.48 30.89 4.93
CA ARG A 539 -2.40 30.03 5.38
C ARG A 539 -1.04 30.66 5.09
N ALA A 540 -0.90 31.34 3.95
CA ALA A 540 0.33 32.06 3.67
C ALA A 540 0.47 33.28 4.56
N LEU A 541 -0.65 33.92 4.92
CA LEU A 541 -0.59 35.16 5.68
C LEU A 541 -0.20 34.92 7.13
N VAL A 542 -0.65 33.82 7.72
CA VAL A 542 -0.34 33.58 9.13
C VAL A 542 1.15 33.35 9.36
N ARG A 543 1.92 33.11 8.30
CA ARG A 543 3.35 32.90 8.46
C ARG A 543 4.10 34.17 8.83
N ASN A 544 3.47 35.33 8.64
CA ASN A 544 4.15 36.62 8.73
C ASN A 544 5.43 36.63 7.89
N PRO A 545 5.33 36.40 6.58
CA PRO A 545 6.54 36.23 5.77
C PRO A 545 7.16 37.56 5.36
N LYS A 546 8.48 37.56 5.30
CA LYS A 546 9.21 38.68 4.73
C LYS A 546 9.14 38.71 3.21
N ILE A 547 8.99 37.55 2.57
CA ILE A 547 8.84 37.45 1.13
C ILE A 547 7.57 36.65 0.85
N LEU A 548 6.66 37.26 0.07
CA LEU A 548 5.40 36.62 -0.30
C LEU A 548 5.39 36.41 -1.81
N LEU A 549 5.19 35.16 -2.22
CA LEU A 549 5.03 34.77 -3.61
C LEU A 549 3.57 34.43 -3.83
N LEU A 550 2.94 35.06 -4.82
CA LEU A 550 1.53 34.87 -5.12
C LEU A 550 1.40 34.50 -6.59
N ASP A 551 1.35 33.20 -6.89
CA ASP A 551 1.24 32.72 -8.26
C ASP A 551 -0.24 32.63 -8.61
N GLU A 552 -0.77 33.70 -9.21
CA GLU A 552 -2.19 33.78 -9.58
C GLU A 552 -3.09 33.51 -8.39
N ALA A 553 -2.87 34.27 -7.32
CA ALA A 553 -3.58 34.06 -6.06
C ALA A 553 -5.05 34.47 -6.11
N THR A 554 -5.49 35.11 -7.19
CA THR A 554 -6.88 35.54 -7.31
C THR A 554 -7.57 34.93 -8.53
N SER A 555 -7.06 33.81 -9.04
CA SER A 555 -7.62 33.21 -10.24
C SER A 555 -9.05 32.71 -10.02
N ALA A 556 -9.32 32.10 -8.87
CA ALA A 556 -10.62 31.53 -8.56
C ALA A 556 -11.51 32.51 -7.82
N LEU A 557 -11.09 33.75 -7.64
CA LEU A 557 -11.84 34.73 -6.88
C LEU A 557 -12.75 35.54 -7.79
N ASP A 558 -13.85 36.04 -7.22
CA ASP A 558 -14.70 36.98 -7.95
C ASP A 558 -14.18 38.40 -7.77
N THR A 559 -14.85 39.35 -8.43
CA THR A 559 -14.35 40.72 -8.48
C THR A 559 -14.30 41.36 -7.10
N GLU A 560 -15.38 41.21 -6.32
CA GLU A 560 -15.42 41.81 -4.99
C GLU A 560 -14.41 41.17 -4.06
N SER A 561 -14.33 39.83 -4.07
CA SER A 561 -13.35 39.14 -3.25
C SER A 561 -11.93 39.50 -3.66
N GLU A 562 -11.68 39.56 -4.97
CA GLU A 562 -10.36 39.96 -5.44
C GLU A 562 -10.02 41.36 -4.96
N ALA A 563 -10.98 42.29 -5.04
CA ALA A 563 -10.72 43.66 -4.64
C ALA A 563 -10.40 43.76 -3.15
N VAL A 564 -11.19 43.08 -2.31
CA VAL A 564 -10.96 43.18 -0.87
C VAL A 564 -9.65 42.51 -0.47
N VAL A 565 -9.34 41.36 -1.09
CA VAL A 565 -8.07 40.69 -0.78
C VAL A 565 -6.89 41.54 -1.25
N GLN A 566 -7.02 42.18 -2.41
CA GLN A 566 -5.96 43.07 -2.89
C GLN A 566 -5.77 44.25 -1.95
N ALA A 567 -6.86 44.83 -1.46
CA ALA A 567 -6.74 45.92 -0.50
C ALA A 567 -6.04 45.45 0.78
N ALA A 568 -6.40 44.26 1.27
CA ALA A 568 -5.76 43.75 2.47
C ALA A 568 -4.27 43.51 2.26
N LEU A 569 -3.90 42.95 1.11
CA LEU A 569 -2.49 42.73 0.82
C LEU A 569 -1.73 44.05 0.68
N ASP A 570 -2.35 45.04 0.03
CA ASP A 570 -1.69 46.33 -0.15
C ASP A 570 -1.58 47.08 1.17
N LYS A 571 -2.42 46.74 2.14
CA LYS A 571 -2.34 47.37 3.46
C LYS A 571 -1.03 47.06 4.15
N ALA A 572 -0.48 45.86 3.94
CA ALA A 572 0.72 45.41 4.64
C ALA A 572 1.88 45.15 3.68
N ARG A 573 1.99 45.97 2.63
CA ARG A 573 3.04 45.76 1.64
C ARG A 573 4.37 46.38 2.02
N GLU A 574 4.41 47.20 3.08
CA GLU A 574 5.62 47.96 3.38
C GLU A 574 6.70 47.10 4.01
N GLY A 575 6.34 46.16 4.88
CA GLY A 575 7.33 45.39 5.60
C GLY A 575 7.76 44.09 4.95
N ARG A 576 7.46 43.91 3.67
CA ARG A 576 7.65 42.63 3.01
C ARG A 576 7.75 42.82 1.51
N THR A 577 8.53 41.95 0.87
CA THR A 577 8.76 41.98 -0.57
C THR A 577 7.89 40.92 -1.22
N THR A 578 7.26 41.27 -2.34
CA THR A 578 6.29 40.40 -2.99
C THR A 578 6.69 40.13 -4.42
N ILE A 579 6.54 38.87 -4.84
CA ILE A 579 6.62 38.49 -6.24
C ILE A 579 5.25 37.92 -6.61
N VAL A 580 4.55 38.62 -7.51
CA VAL A 580 3.17 38.29 -7.84
C VAL A 580 3.09 37.95 -9.33
N ILE A 581 2.35 36.89 -9.64
CA ILE A 581 2.04 36.48 -10.99
C ILE A 581 0.53 36.62 -11.15
N ALA A 582 0.10 37.30 -12.21
CA ALA A 582 -1.32 37.55 -12.38
C ALA A 582 -1.64 37.70 -13.86
N HIS A 583 -2.78 37.16 -14.26
CA HIS A 583 -3.37 37.40 -15.57
C HIS A 583 -4.42 38.49 -15.54
N ARG A 584 -4.72 39.03 -14.36
CA ARG A 584 -5.66 40.13 -14.22
C ARG A 584 -4.88 41.44 -14.17
N LEU A 585 -5.20 42.35 -15.10
CA LEU A 585 -4.42 43.58 -15.24
C LEU A 585 -4.65 44.55 -14.10
N SER A 586 -5.78 44.46 -13.40
CA SER A 586 -6.06 45.38 -12.30
C SER A 586 -5.03 45.23 -11.17
N THR A 587 -4.70 43.98 -10.83
CA THR A 587 -3.69 43.74 -9.79
C THR A 587 -2.31 44.17 -10.26
N VAL A 588 -2.01 43.99 -11.54
CA VAL A 588 -0.71 44.37 -12.07
C VAL A 588 -0.57 45.88 -12.16
N ARG A 589 -1.70 46.60 -12.20
CA ARG A 589 -1.66 48.05 -12.40
C ARG A 589 -0.94 48.76 -11.27
N ASN A 590 -1.21 48.40 -10.01
CA ASN A 590 -0.65 49.10 -8.86
C ASN A 590 0.69 48.53 -8.41
N ALA A 591 1.23 47.53 -9.12
CA ALA A 591 2.51 46.97 -8.75
C ALA A 591 3.62 48.00 -8.91
N ASP A 592 4.59 47.94 -7.99
CA ASP A 592 5.70 48.89 -8.03
C ASP A 592 6.54 48.75 -9.29
N VAL A 593 6.88 47.51 -9.66
CA VAL A 593 7.67 47.24 -10.85
C VAL A 593 7.09 46.00 -11.53
N ILE A 594 7.16 45.98 -12.86
CA ILE A 594 6.58 44.91 -13.66
C ILE A 594 7.67 44.36 -14.57
N ALA A 595 7.85 43.04 -14.54
CA ALA A 595 8.84 42.36 -15.35
C ALA A 595 8.13 41.47 -16.36
N GLY A 596 8.47 41.63 -17.64
CA GLY A 596 7.84 40.87 -18.71
C GLY A 596 8.74 39.75 -19.18
N PHE A 597 8.15 38.56 -19.31
CA PHE A 597 8.86 37.35 -19.68
C PHE A 597 8.74 37.10 -21.17
N ASP A 598 9.86 36.82 -21.83
CA ASP A 598 9.87 36.44 -23.23
C ASP A 598 11.11 35.61 -23.48
N GLY A 599 10.93 34.44 -24.12
CA GLY A 599 12.05 33.58 -24.43
C GLY A 599 12.86 33.12 -23.25
N GLY A 600 12.31 33.15 -22.04
CA GLY A 600 13.04 32.81 -20.85
C GLY A 600 13.81 33.94 -20.21
N VAL A 601 13.68 35.17 -20.69
CA VAL A 601 14.39 36.32 -20.14
C VAL A 601 13.38 37.42 -19.82
N ILE A 602 13.88 38.45 -19.14
CA ILE A 602 13.10 39.66 -18.89
C ILE A 602 13.37 40.64 -20.02
N VAL A 603 12.32 41.01 -20.73
CA VAL A 603 12.46 41.94 -21.85
C VAL A 603 12.06 43.36 -21.45
N GLU A 604 11.03 43.50 -20.62
CA GLU A 604 10.56 44.79 -20.16
C GLU A 604 10.47 44.80 -18.65
N GLN A 605 11.16 45.77 -18.03
CA GLN A 605 11.06 45.96 -16.59
C GLN A 605 11.01 47.46 -16.31
N GLY A 606 10.10 47.85 -15.43
CA GLY A 606 9.95 49.25 -15.08
C GLY A 606 8.56 49.54 -14.58
N ASN A 607 8.21 50.83 -14.63
CA ASN A 607 6.93 51.29 -14.13
C ASN A 607 5.85 51.10 -15.21
N HIS A 608 4.59 51.18 -14.77
CA HIS A 608 3.46 51.04 -15.67
C HIS A 608 3.51 52.07 -16.80
N ASP A 609 3.76 53.34 -16.44
CA ASP A 609 3.89 54.38 -17.46
C ASP A 609 5.11 54.13 -18.34
N GLU A 610 6.21 53.68 -17.74
CA GLU A 610 7.40 53.35 -18.54
C GLU A 610 7.09 52.22 -19.52
N LEU A 611 6.26 51.26 -19.11
CA LEU A 611 5.91 50.16 -20.00
C LEU A 611 4.99 50.64 -21.12
N MET A 612 4.05 51.54 -20.81
CA MET A 612 3.22 52.12 -21.87
C MET A 612 4.07 52.90 -22.86
N ARG A 613 5.12 53.57 -22.37
CA ARG A 613 5.95 54.36 -23.26
C ARG A 613 6.88 53.49 -24.09
N GLU A 614 7.31 52.35 -23.54
CA GLU A 614 8.23 51.47 -24.26
C GLU A 614 7.50 50.55 -25.24
N LYS A 615 6.16 50.51 -25.19
CA LYS A 615 5.32 49.69 -26.06
C LYS A 615 5.81 48.25 -26.19
N GLY A 616 6.06 47.58 -25.07
CA GLY A 616 6.54 46.22 -25.07
C GLY A 616 5.43 45.20 -25.10
N ILE A 617 5.70 44.03 -24.51
CA ILE A 617 4.72 42.96 -24.46
C ILE A 617 3.56 43.33 -23.55
N TYR A 618 3.85 44.05 -22.46
CA TYR A 618 2.77 44.50 -21.58
C TYR A 618 1.82 45.42 -22.31
N PHE A 619 2.32 46.12 -23.33
CA PHE A 619 1.46 46.95 -24.19
C PHE A 619 0.43 46.09 -24.90
N LYS A 620 0.87 45.01 -25.55
CA LYS A 620 -0.06 44.11 -26.22
C LYS A 620 -1.00 43.45 -25.22
N LEU A 621 -0.50 43.15 -24.01
CA LEU A 621 -1.35 42.55 -22.99
C LEU A 621 -2.46 43.51 -22.56
N VAL A 622 -2.14 44.79 -22.36
CA VAL A 622 -3.17 45.72 -21.88
C VAL A 622 -4.15 46.06 -22.98
N MET A 623 -3.71 46.16 -24.25
CA MET A 623 -4.69 46.40 -25.30
C MET A 623 -5.54 45.17 -25.59
N THR A 624 -5.14 44.01 -25.07
CA THR A 624 -6.02 42.85 -25.09
C THR A 624 -6.87 42.73 -23.82
N GLN A 625 -7.56 43.81 -23.46
CA GLN A 625 -8.33 43.86 -22.22
C GLN A 625 -9.62 43.05 -22.33
N GLU A 686 -16.49 -4.61 13.23
CA GLU A 686 -17.47 -4.99 12.18
C GLU A 686 -18.13 -6.33 12.55
N ASP A 687 -19.07 -6.80 11.73
CA ASP A 687 -19.73 -8.10 11.99
C ASP A 687 -18.68 -9.22 11.94
N VAL A 688 -17.76 -9.16 10.97
CA VAL A 688 -16.66 -10.16 10.84
C VAL A 688 -17.21 -11.60 10.91
N PRO A 689 -18.18 -12.00 10.07
CA PRO A 689 -18.78 -13.34 10.16
C PRO A 689 -17.72 -14.46 10.19
N PRO A 690 -17.81 -15.52 11.04
CA PRO A 690 -16.74 -16.54 11.07
C PRO A 690 -16.49 -17.21 9.73
N ALA A 691 -17.51 -17.33 8.88
CA ALA A 691 -17.39 -18.05 7.61
C ALA A 691 -16.86 -17.18 6.48
N SER A 692 -16.55 -15.91 6.75
CA SER A 692 -16.16 -14.99 5.68
C SER A 692 -15.01 -15.54 4.86
N PHE A 693 -13.95 -16.01 5.52
CA PHE A 693 -12.81 -16.58 4.80
C PHE A 693 -13.25 -17.70 3.87
N TRP A 694 -14.12 -18.59 4.36
CA TRP A 694 -14.62 -19.68 3.52
C TRP A 694 -15.28 -19.13 2.27
N ARG A 695 -16.07 -18.06 2.40
CA ARG A 695 -16.72 -17.47 1.24
C ARG A 695 -15.68 -17.01 0.22
N ILE A 696 -14.57 -16.43 0.69
CA ILE A 696 -13.51 -16.01 -0.22
C ILE A 696 -12.96 -17.21 -0.97
N LEU A 697 -12.84 -18.35 -0.30
CA LEU A 697 -12.35 -19.55 -0.96
C LEU A 697 -13.32 -20.01 -2.04
N LYS A 698 -14.62 -19.72 -1.87
CA LYS A 698 -15.58 -20.02 -2.93
C LYS A 698 -15.23 -19.28 -4.21
N LEU A 699 -14.70 -18.06 -4.09
CA LEU A 699 -14.29 -17.29 -5.26
C LEU A 699 -13.13 -17.94 -6.00
N ASN A 700 -12.47 -18.93 -5.38
CA ASN A 700 -11.38 -19.66 -6.00
C ASN A 700 -11.85 -21.03 -6.49
N SER A 701 -13.17 -21.25 -6.49
CA SER A 701 -13.72 -22.57 -6.79
C SER A 701 -13.41 -23.02 -8.21
N THR A 702 -13.23 -22.06 -9.13
CA THR A 702 -12.88 -22.41 -10.51
C THR A 702 -11.57 -23.19 -10.55
N GLU A 703 -10.71 -23.01 -9.54
CA GLU A 703 -9.45 -23.73 -9.42
C GLU A 703 -9.57 -24.98 -8.57
N TRP A 704 -10.76 -25.60 -8.54
CA TRP A 704 -10.93 -26.83 -7.78
C TRP A 704 -9.99 -27.97 -8.20
N PRO A 705 -9.68 -28.21 -9.48
CA PRO A 705 -8.75 -29.31 -9.78
C PRO A 705 -7.37 -29.10 -9.18
N TYR A 706 -6.92 -27.85 -9.06
CA TYR A 706 -5.64 -27.58 -8.42
C TYR A 706 -5.67 -27.99 -6.95
N PHE A 707 -6.79 -27.71 -6.27
CA PHE A 707 -6.88 -28.00 -4.85
C PHE A 707 -6.86 -29.50 -4.59
N VAL A 708 -7.71 -30.26 -5.29
CA VAL A 708 -7.86 -31.68 -4.97
C VAL A 708 -6.53 -32.41 -5.11
N VAL A 709 -5.81 -32.18 -6.22
CA VAL A 709 -4.50 -32.78 -6.38
C VAL A 709 -3.60 -32.37 -5.21
N GLY A 710 -3.56 -31.07 -4.91
CA GLY A 710 -2.78 -30.62 -3.77
C GLY A 710 -3.21 -31.31 -2.49
N ILE A 711 -4.52 -31.48 -2.30
CA ILE A 711 -4.99 -32.17 -1.10
C ILE A 711 -4.42 -33.58 -1.05
N PHE A 712 -4.44 -34.28 -2.19
CA PHE A 712 -3.82 -35.60 -2.23
C PHE A 712 -2.34 -35.49 -1.91
N ALA A 713 -1.65 -34.51 -2.51
CA ALA A 713 -0.24 -34.32 -2.21
C ALA A 713 -0.04 -33.95 -0.75
N ALA A 714 -1.06 -33.34 -0.13
CA ALA A 714 -0.97 -33.05 1.30
C ALA A 714 -1.21 -34.31 2.13
N ILE A 715 -2.09 -35.20 1.65
CA ILE A 715 -2.42 -36.39 2.43
C ILE A 715 -1.25 -37.37 2.44
N ILE A 716 -0.57 -37.52 1.30
CA ILE A 716 0.48 -38.53 1.19
C ILE A 716 1.68 -38.16 2.04
N ASN A 717 2.36 -37.07 1.68
CA ASN A 717 3.60 -36.72 2.38
C ASN A 717 3.33 -36.39 3.84
N GLY A 718 2.23 -35.69 4.12
CA GLY A 718 1.83 -35.49 5.50
C GLY A 718 1.61 -36.79 6.25
N GLY A 719 1.02 -37.78 5.59
CA GLY A 719 0.89 -39.09 6.20
C GLY A 719 2.17 -39.90 6.22
N LEU A 720 3.19 -39.46 5.47
CA LEU A 720 4.42 -40.24 5.38
C LEU A 720 5.25 -40.12 6.64
N GLN A 721 5.31 -38.92 7.22
CA GLN A 721 6.15 -38.73 8.40
C GLN A 721 5.73 -39.60 9.58
N PRO A 722 4.44 -39.67 9.96
CA PRO A 722 4.08 -40.65 11.00
C PRO A 722 4.25 -42.09 10.55
N ALA A 723 3.78 -42.44 9.35
CA ALA A 723 3.92 -43.80 8.84
C ALA A 723 5.39 -44.19 8.70
N PHE A 724 6.29 -43.21 8.61
CA PHE A 724 7.72 -43.51 8.60
C PHE A 724 8.10 -44.36 9.80
N SER A 725 7.44 -44.15 10.94
CA SER A 725 7.68 -44.99 12.10
C SER A 725 7.23 -46.43 11.83
N VAL A 726 6.01 -46.60 11.32
CA VAL A 726 5.44 -47.94 11.22
C VAL A 726 6.28 -48.84 10.32
N ILE A 727 6.61 -48.35 9.12
CA ILE A 727 7.46 -49.13 8.23
C ILE A 727 8.82 -49.36 8.88
N PHE A 728 9.32 -48.36 9.61
CA PHE A 728 10.60 -48.52 10.29
C PHE A 728 10.51 -49.60 11.37
N SER A 729 9.33 -49.75 11.98
CA SER A 729 9.12 -50.85 12.91
C SER A 729 9.28 -52.19 12.20
N LYS A 730 8.82 -52.27 10.94
CA LYS A 730 9.10 -53.45 10.14
C LYS A 730 10.60 -53.57 9.86
N VAL A 731 11.27 -52.43 9.65
CA VAL A 731 12.68 -52.44 9.26
C VAL A 731 13.51 -53.20 10.29
N VAL A 732 13.34 -52.88 11.56
CA VAL A 732 14.00 -53.67 12.61
C VAL A 732 13.35 -55.05 12.72
N GLY A 733 12.02 -55.10 12.62
CA GLY A 733 11.32 -56.35 12.82
C GLY A 733 11.70 -57.42 11.82
N VAL A 734 11.86 -57.04 10.55
CA VAL A 734 12.34 -57.98 9.56
C VAL A 734 13.78 -58.38 9.85
N PHE A 735 14.60 -57.42 10.31
CA PHE A 735 16.01 -57.71 10.54
C PHE A 735 16.21 -58.63 11.74
N THR A 736 15.48 -58.37 12.84
CA THR A 736 15.66 -59.15 14.05
C THR A 736 15.34 -60.62 13.81
N ASN A 737 14.28 -60.90 13.04
CA ASN A 737 13.93 -62.26 12.65
C ASN A 737 14.51 -62.64 11.30
N GLY A 738 15.44 -61.85 10.76
CA GLY A 738 15.99 -62.16 9.45
C GLY A 738 16.73 -63.48 9.41
N GLY A 739 17.59 -63.73 10.39
CA GLY A 739 18.30 -64.97 10.48
C GLY A 739 19.62 -64.96 9.72
N PRO A 740 19.67 -65.69 8.61
CA PRO A 740 20.90 -65.76 7.81
C PRO A 740 21.30 -64.38 7.30
N PRO A 741 22.61 -64.13 7.16
CA PRO A 741 23.05 -62.81 6.68
C PRO A 741 22.56 -62.46 5.29
N GLU A 742 22.44 -63.45 4.40
CA GLU A 742 22.03 -63.16 3.03
C GLU A 742 20.57 -62.68 2.99
N THR A 743 19.70 -63.32 3.77
CA THR A 743 18.30 -62.90 3.81
C THR A 743 18.17 -61.49 4.35
N GLN A 744 18.92 -61.18 5.42
CA GLN A 744 18.89 -59.83 5.97
C GLN A 744 19.43 -58.81 4.98
N ARG A 745 20.49 -59.17 4.26
CA ARG A 745 21.04 -58.27 3.24
C ARG A 745 20.03 -57.99 2.14
N GLN A 746 19.34 -59.03 1.67
CA GLN A 746 18.32 -58.84 0.65
C GLN A 746 17.19 -57.95 1.17
N ASN A 747 16.72 -58.23 2.38
CA ASN A 747 15.63 -57.43 2.95
C ASN A 747 16.04 -55.97 3.10
N SER A 748 17.27 -55.73 3.54
CA SER A 748 17.73 -54.36 3.73
C SER A 748 17.95 -53.64 2.40
N ASN A 749 18.36 -54.36 1.36
CA ASN A 749 18.52 -53.67 0.07
C ASN A 749 17.16 -53.36 -0.56
N LEU A 750 16.17 -54.25 -0.35
CA LEU A 750 14.80 -53.88 -0.71
C LEU A 750 14.32 -52.66 0.09
N PHE A 751 14.68 -52.59 1.37
CA PHE A 751 14.32 -51.41 2.17
C PHE A 751 14.97 -50.14 1.64
N SER A 752 16.24 -50.24 1.22
CA SER A 752 16.91 -49.07 0.64
C SER A 752 16.26 -48.65 -0.67
N LEU A 753 15.87 -49.63 -1.51
CA LEU A 753 15.13 -49.32 -2.72
C LEU A 753 13.80 -48.65 -2.38
N LEU A 754 13.15 -49.12 -1.32
CA LEU A 754 11.91 -48.49 -0.87
C LEU A 754 12.15 -47.05 -0.43
N PHE A 755 13.28 -46.80 0.24
CA PHE A 755 13.61 -45.43 0.62
C PHE A 755 13.82 -44.55 -0.59
N LEU A 756 14.47 -45.07 -1.63
CA LEU A 756 14.64 -44.30 -2.85
C LEU A 756 13.30 -44.02 -3.53
N ILE A 757 12.40 -45.02 -3.55
CA ILE A 757 11.08 -44.81 -4.12
C ILE A 757 10.31 -43.77 -3.32
N LEU A 758 10.42 -43.84 -1.98
CA LEU A 758 9.80 -42.82 -1.14
C LEU A 758 10.35 -41.45 -1.42
N GLY A 759 11.65 -41.36 -1.74
CA GLY A 759 12.22 -40.07 -2.11
C GLY A 759 11.67 -39.53 -3.41
N ILE A 760 11.53 -40.39 -4.41
CA ILE A 760 10.91 -39.97 -5.67
C ILE A 760 9.49 -39.49 -5.44
N ILE A 761 8.72 -40.26 -4.66
CA ILE A 761 7.35 -39.89 -4.35
C ILE A 761 7.31 -38.58 -3.57
N SER A 762 8.26 -38.39 -2.64
CA SER A 762 8.28 -37.16 -1.86
C SER A 762 8.59 -35.96 -2.73
N PHE A 763 9.53 -36.10 -3.65
CA PHE A 763 9.78 -35.04 -4.64
C PHE A 763 8.50 -34.68 -5.39
N ILE A 764 7.83 -35.69 -5.95
CA ILE A 764 6.62 -35.44 -6.73
C ILE A 764 5.56 -34.76 -5.86
N THR A 765 5.28 -35.33 -4.69
CA THR A 765 4.17 -34.86 -3.87
C THR A 765 4.44 -33.49 -3.30
N PHE A 766 5.67 -33.21 -2.87
CA PHE A 766 5.98 -31.89 -2.33
C PHE A 766 5.93 -30.83 -3.42
N PHE A 767 6.44 -31.13 -4.61
CA PHE A 767 6.31 -30.18 -5.71
C PHE A 767 4.85 -29.90 -6.02
N LEU A 768 4.04 -30.96 -6.11
CA LEU A 768 2.63 -30.77 -6.42
C LEU A 768 1.92 -29.97 -5.33
N GLN A 769 2.14 -30.32 -4.07
CA GLN A 769 1.45 -29.66 -2.97
C GLN A 769 1.81 -28.19 -2.90
N GLY A 770 3.09 -27.85 -3.07
CA GLY A 770 3.46 -26.46 -3.09
C GLY A 770 2.91 -25.72 -4.30
N PHE A 771 3.09 -26.31 -5.50
CA PHE A 771 2.76 -25.61 -6.73
C PHE A 771 1.27 -25.37 -6.87
N THR A 772 0.46 -26.40 -6.63
CA THR A 772 -0.98 -26.25 -6.81
C THR A 772 -1.55 -25.20 -5.88
N PHE A 773 -1.18 -25.26 -4.60
CA PHE A 773 -1.71 -24.30 -3.63
C PHE A 773 -1.17 -22.90 -3.89
N GLY A 774 0.09 -22.79 -4.31
CA GLY A 774 0.64 -21.50 -4.64
C GLY A 774 -0.03 -20.85 -5.83
N LYS A 775 -0.26 -21.64 -6.89
CA LYS A 775 -0.94 -21.12 -8.07
C LYS A 775 -2.37 -20.74 -7.73
N ALA A 776 -3.07 -21.57 -6.95
CA ALA A 776 -4.42 -21.22 -6.54
C ALA A 776 -4.44 -19.93 -5.73
N GLY A 777 -3.48 -19.76 -4.83
CA GLY A 777 -3.40 -18.53 -4.06
C GLY A 777 -3.13 -17.31 -4.93
N GLU A 778 -2.22 -17.45 -5.89
CA GLU A 778 -1.94 -16.32 -6.79
C GLU A 778 -3.16 -15.94 -7.61
N ILE A 779 -3.87 -16.95 -8.13
CA ILE A 779 -5.09 -16.68 -8.90
C ILE A 779 -6.14 -16.01 -8.03
N LEU A 780 -6.30 -16.50 -6.79
CA LEU A 780 -7.27 -15.91 -5.88
C LEU A 780 -6.92 -14.47 -5.56
N THR A 781 -5.65 -14.18 -5.29
CA THR A 781 -5.27 -12.82 -4.93
C THR A 781 -5.44 -11.88 -6.10
N LYS A 782 -5.06 -12.31 -7.30
CA LYS A 782 -5.27 -11.46 -8.47
C LYS A 782 -6.76 -11.18 -8.69
N ARG A 783 -7.60 -12.21 -8.56
CA ARG A 783 -9.03 -12.04 -8.74
C ARG A 783 -9.61 -11.11 -7.69
N LEU A 784 -9.18 -11.26 -6.44
CA LEU A 784 -9.69 -10.42 -5.36
C LEU A 784 -9.29 -8.97 -5.56
N ARG A 785 -8.03 -8.72 -5.94
CA ARG A 785 -7.59 -7.36 -6.16
C ARG A 785 -8.35 -6.73 -7.32
N TYR A 786 -8.53 -7.49 -8.41
CA TYR A 786 -9.30 -7.00 -9.55
C TYR A 786 -10.72 -6.64 -9.14
N MET A 787 -11.37 -7.54 -8.39
CA MET A 787 -12.76 -7.31 -8.00
C MET A 787 -12.89 -6.11 -7.06
N VAL A 788 -11.96 -5.97 -6.12
CA VAL A 788 -12.03 -4.85 -5.19
C VAL A 788 -11.81 -3.53 -5.91
N PHE A 789 -10.85 -3.48 -6.84
CA PHE A 789 -10.64 -2.25 -7.61
C PHE A 789 -11.84 -1.93 -8.48
N LYS A 790 -12.45 -2.95 -9.08
CA LYS A 790 -13.66 -2.72 -9.89
C LYS A 790 -14.80 -2.19 -9.04
N SER A 791 -14.99 -2.76 -7.85
CA SER A 791 -16.03 -2.29 -6.95
C SER A 791 -15.78 -0.85 -6.52
N MET A 792 -14.52 -0.51 -6.22
CA MET A 792 -14.18 0.85 -5.85
C MET A 792 -14.48 1.82 -6.98
N LEU A 793 -14.12 1.45 -8.21
CA LEU A 793 -14.44 2.30 -9.36
C LEU A 793 -15.94 2.36 -9.63
N ARG A 794 -16.70 1.40 -9.10
CA ARG A 794 -18.15 1.41 -9.28
C ARG A 794 -18.86 2.39 -8.36
N GLN A 795 -18.21 2.82 -7.28
CA GLN A 795 -18.91 3.55 -6.23
C GLN A 795 -19.25 4.98 -6.64
N ASP A 796 -20.16 5.59 -5.89
CA ASP A 796 -20.61 6.95 -6.16
C ASP A 796 -19.58 7.97 -5.70
N VAL A 797 -19.77 9.21 -6.15
CA VAL A 797 -18.91 10.31 -5.74
C VAL A 797 -19.03 10.57 -4.26
N SER A 798 -20.25 10.47 -3.71
CA SER A 798 -20.45 10.69 -2.28
C SER A 798 -19.67 9.70 -1.45
N TRP A 799 -19.46 8.48 -1.95
CA TRP A 799 -18.65 7.51 -1.25
C TRP A 799 -17.21 7.98 -1.12
N PHE A 800 -16.65 8.55 -2.18
CA PHE A 800 -15.31 9.11 -2.12
C PHE A 800 -15.24 10.39 -1.30
N ASP A 801 -16.35 11.12 -1.19
CA ASP A 801 -16.40 12.29 -0.33
C ASP A 801 -16.37 11.95 1.15
N ASP A 802 -16.58 10.69 1.51
CA ASP A 802 -16.59 10.30 2.90
C ASP A 802 -15.19 10.46 3.50
N PRO A 803 -15.07 10.98 4.73
CA PRO A 803 -13.73 11.13 5.32
C PRO A 803 -12.97 9.83 5.49
N LYS A 804 -13.67 8.71 5.64
CA LYS A 804 -12.99 7.42 5.77
C LYS A 804 -12.42 6.93 4.44
N ASN A 805 -13.00 7.33 3.32
CA ASN A 805 -12.59 6.84 2.01
C ASN A 805 -11.70 7.86 1.31
N THR A 806 -10.55 8.12 1.91
CA THR A 806 -9.52 8.92 1.26
C THR A 806 -8.64 8.05 0.38
N THR A 807 -7.88 8.70 -0.51
CA THR A 807 -7.07 7.96 -1.47
C THR A 807 -6.08 7.04 -0.76
N GLY A 808 -5.36 7.58 0.24
CA GLY A 808 -4.45 6.75 1.01
C GLY A 808 -5.15 5.65 1.77
N ALA A 809 -6.29 5.94 2.37
CA ALA A 809 -7.07 4.93 3.06
C ALA A 809 -7.52 3.83 2.11
N LEU A 810 -7.98 4.21 0.91
CA LEU A 810 -8.45 3.20 -0.05
C LEU A 810 -7.31 2.33 -0.57
N THR A 811 -6.17 2.93 -0.90
CA THR A 811 -5.03 2.15 -1.36
C THR A 811 -4.53 1.21 -0.27
N THR A 812 -4.42 1.72 0.96
CA THR A 812 -4.02 0.87 2.08
C THR A 812 -5.02 -0.26 2.28
N ARG A 813 -6.31 0.05 2.20
CA ARG A 813 -7.35 -0.95 2.37
C ARG A 813 -7.19 -2.07 1.37
N LEU A 814 -7.06 -1.72 0.09
CA LEU A 814 -6.99 -2.75 -0.94
C LEU A 814 -5.75 -3.62 -0.75
N ALA A 815 -4.58 -2.98 -0.64
CA ALA A 815 -3.34 -3.75 -0.51
C ALA A 815 -3.35 -4.62 0.73
N ASN A 816 -3.78 -4.06 1.87
CA ASN A 816 -3.74 -4.78 3.14
C ASN A 816 -4.73 -5.95 3.13
N ASP A 817 -5.95 -5.73 2.64
CA ASP A 817 -6.91 -6.82 2.62
C ASP A 817 -6.43 -7.96 1.74
N ALA A 818 -5.90 -7.64 0.56
CA ALA A 818 -5.39 -8.69 -0.31
C ALA A 818 -4.24 -9.44 0.35
N ALA A 819 -3.30 -8.71 0.97
CA ALA A 819 -2.16 -9.37 1.61
C ALA A 819 -2.60 -10.26 2.76
N GLN A 820 -3.53 -9.79 3.59
CA GLN A 820 -3.94 -10.57 4.75
C GLN A 820 -4.71 -11.82 4.33
N VAL A 821 -5.53 -11.72 3.28
CA VAL A 821 -6.19 -12.93 2.78
C VAL A 821 -5.16 -13.89 2.18
N LYS A 822 -4.15 -13.35 1.50
CA LYS A 822 -3.11 -14.19 0.92
C LYS A 822 -2.31 -14.91 1.99
N GLY A 823 -2.17 -14.29 3.16
CA GLY A 823 -1.35 -14.87 4.21
C GLY A 823 -1.83 -16.24 4.66
N ALA A 824 -3.14 -16.50 4.52
CA ALA A 824 -3.67 -17.78 4.96
C ALA A 824 -3.87 -18.77 3.82
N THR A 825 -3.67 -18.35 2.58
CA THR A 825 -3.81 -19.24 1.44
C THR A 825 -2.43 -19.58 0.87
N GLY A 826 -2.38 -20.46 -0.13
CA GLY A 826 -1.12 -20.75 -0.79
C GLY A 826 -0.33 -21.85 -0.12
N SER A 827 0.99 -21.73 -0.20
CA SER A 827 1.87 -22.72 0.41
C SER A 827 1.64 -22.80 1.91
N ARG A 828 1.20 -21.70 2.53
CA ARG A 828 0.88 -21.76 3.95
C ARG A 828 -0.25 -22.74 4.21
N LEU A 829 -1.34 -22.65 3.44
CA LEU A 829 -2.44 -23.60 3.58
C LEU A 829 -2.00 -25.00 3.19
N ALA A 830 -1.08 -25.12 2.23
CA ALA A 830 -0.57 -26.44 1.86
C ALA A 830 0.16 -27.11 3.03
N VAL A 831 1.03 -26.36 3.71
CA VAL A 831 1.74 -26.95 4.84
C VAL A 831 0.80 -27.19 6.01
N ILE A 832 -0.24 -26.36 6.16
CA ILE A 832 -1.25 -26.66 7.18
C ILE A 832 -1.94 -27.98 6.88
N PHE A 833 -2.30 -28.21 5.62
CA PHE A 833 -2.94 -29.48 5.25
C PHE A 833 -2.00 -30.66 5.47
N GLN A 834 -0.72 -30.48 5.14
CA GLN A 834 0.26 -31.53 5.41
C GLN A 834 0.34 -31.84 6.89
N ASN A 835 0.41 -30.80 7.73
CA ASN A 835 0.48 -31.00 9.18
C ASN A 835 -0.78 -31.67 9.71
N ILE A 836 -1.94 -31.31 9.15
CA ILE A 836 -3.18 -31.95 9.57
C ILE A 836 -3.16 -33.44 9.20
N ALA A 837 -2.59 -33.76 8.05
CA ALA A 837 -2.44 -35.18 7.67
C ALA A 837 -1.51 -35.90 8.63
N ASN A 838 -0.40 -35.25 9.02
CA ASN A 838 0.50 -35.81 10.02
C ASN A 838 -0.25 -36.14 11.29
N LEU A 839 -1.03 -35.18 11.79
CA LEU A 839 -1.76 -35.38 13.03
C LEU A 839 -2.88 -36.40 12.87
N GLY A 840 -3.40 -36.54 11.65
CA GLY A 840 -4.58 -37.38 11.45
C GLY A 840 -4.27 -38.85 11.31
N THR A 841 -3.20 -39.17 10.56
CA THR A 841 -2.85 -40.58 10.38
C THR A 841 -2.47 -41.24 11.69
N GLY A 842 -2.06 -40.44 12.68
CA GLY A 842 -1.68 -40.98 13.97
C GLY A 842 -2.81 -41.71 14.67
N ILE A 843 -4.02 -41.14 14.62
CA ILE A 843 -5.16 -41.79 15.26
C ILE A 843 -5.38 -43.17 14.67
N ILE A 844 -5.37 -43.28 13.35
CA ILE A 844 -5.61 -44.57 12.71
C ILE A 844 -4.51 -45.57 13.06
N ILE A 845 -3.25 -45.16 12.90
CA ILE A 845 -2.16 -46.13 13.10
C ILE A 845 -2.11 -46.58 14.56
N SER A 846 -2.38 -45.65 15.50
CA SER A 846 -2.49 -46.05 16.90
C SER A 846 -3.66 -47.00 17.10
N LEU A 847 -4.80 -46.72 16.46
CA LEU A 847 -5.98 -47.55 16.67
C LEU A 847 -5.73 -48.99 16.25
N ILE A 848 -5.06 -49.19 15.11
CA ILE A 848 -4.64 -50.55 14.77
C ILE A 848 -3.63 -51.09 15.79
N TYR A 849 -2.67 -50.27 16.20
CA TYR A 849 -1.62 -50.79 17.07
C TYR A 849 -1.96 -50.74 18.55
N GLY A 850 -2.50 -49.63 19.06
CA GLY A 850 -2.98 -49.62 20.44
C GLY A 850 -4.09 -48.63 20.64
N TRP A 851 -5.25 -49.10 21.13
CA TRP A 851 -6.44 -48.26 21.13
C TRP A 851 -6.56 -47.45 22.41
N GLN A 852 -6.17 -48.03 23.55
CA GLN A 852 -6.29 -47.31 24.81
C GLN A 852 -5.49 -46.02 24.80
N LEU A 853 -4.26 -46.06 24.29
CA LEU A 853 -3.45 -44.86 24.20
C LEU A 853 -4.09 -43.79 23.33
N THR A 854 -4.96 -44.17 22.39
CA THR A 854 -5.63 -43.18 21.49
C THR A 854 -6.59 -42.32 22.31
N LEU A 855 -7.00 -42.79 23.49
CA LEU A 855 -7.87 -41.98 24.38
C LEU A 855 -7.11 -40.71 24.76
N LEU A 856 -5.78 -40.82 24.93
CA LEU A 856 -4.98 -39.61 25.22
C LEU A 856 -5.24 -38.53 24.15
N LEU A 857 -5.30 -38.87 22.87
CA LEU A 857 -5.63 -37.83 21.86
C LEU A 857 -6.94 -37.13 22.25
N LEU A 858 -8.00 -37.82 22.67
CA LEU A 858 -9.22 -37.16 23.20
C LEU A 858 -8.90 -36.24 24.39
N ALA A 859 -8.04 -36.64 25.31
CA ALA A 859 -7.65 -35.71 26.38
C ALA A 859 -6.70 -34.58 25.89
N ILE A 860 -5.74 -34.89 25.01
CA ILE A 860 -4.76 -33.86 24.51
C ILE A 860 -5.35 -32.81 23.57
N VAL A 861 -6.23 -33.14 22.61
CA VAL A 861 -6.69 -32.18 21.56
C VAL A 861 -7.60 -31.09 22.14
N PRO A 862 -8.62 -31.28 22.99
CA PRO A 862 -9.36 -30.10 23.46
C PRO A 862 -8.49 -29.06 24.17
N ILE A 863 -7.54 -29.51 24.99
CA ILE A 863 -6.73 -28.58 25.77
C ILE A 863 -5.93 -27.67 24.86
N ILE A 864 -5.34 -28.23 23.80
CA ILE A 864 -4.70 -27.39 22.79
C ILE A 864 -5.74 -26.55 22.08
N ALA A 865 -6.88 -27.15 21.71
CA ALA A 865 -7.84 -26.48 20.84
C ALA A 865 -8.37 -25.20 21.50
N ILE A 866 -8.73 -25.28 22.78
CA ILE A 866 -9.20 -24.09 23.48
C ILE A 866 -8.09 -23.03 23.49
N ALA A 867 -6.85 -23.45 23.74
CA ALA A 867 -5.74 -22.50 23.72
C ALA A 867 -5.62 -21.85 22.36
N GLY A 868 -6.04 -22.55 21.31
CA GLY A 868 -6.07 -21.94 19.99
C GLY A 868 -7.19 -20.94 19.82
N VAL A 869 -8.38 -21.25 20.34
CA VAL A 869 -9.55 -20.43 20.01
C VAL A 869 -9.53 -19.13 20.80
N VAL A 870 -9.04 -19.17 22.04
CA VAL A 870 -8.98 -17.96 22.85
C VAL A 870 -8.10 -16.91 22.18
N GLU A 871 -6.94 -17.34 21.67
CA GLU A 871 -6.11 -16.43 20.90
C GLU A 871 -6.84 -15.92 19.66
N MET A 872 -7.63 -16.80 19.03
CA MET A 872 -8.49 -16.36 17.93
C MET A 872 -9.32 -15.16 18.33
N LYS A 873 -9.84 -15.15 19.56
CA LYS A 873 -10.71 -14.06 19.97
C LYS A 873 -9.91 -12.77 20.15
N MET A 874 -8.64 -12.88 20.53
CA MET A 874 -7.86 -11.68 20.80
C MET A 874 -7.28 -11.12 19.50
N LEU A 875 -6.55 -11.95 18.75
CA LEU A 875 -5.88 -11.47 17.55
C LEU A 875 -6.88 -10.95 16.52
N SER A 876 -8.09 -11.50 16.52
CA SER A 876 -9.14 -10.93 15.67
C SER A 876 -9.54 -9.55 16.15
N GLY A 877 -9.83 -9.41 17.45
CA GLY A 877 -10.38 -8.17 17.95
C GLY A 877 -9.49 -6.98 17.72
N GLN A 878 -8.19 -7.13 17.92
CA GLN A 878 -7.26 -6.04 17.65
C GLN A 878 -6.98 -5.87 16.16
N ALA A 879 -7.13 -6.93 15.36
CA ALA A 879 -6.91 -6.80 13.92
C ALA A 879 -7.88 -5.79 13.32
N LEU A 880 -9.16 -5.88 13.70
CA LEU A 880 -10.13 -4.89 13.27
C LEU A 880 -9.66 -3.48 13.61
N LYS A 881 -9.06 -3.30 14.78
CA LYS A 881 -8.48 -2.00 15.11
C LYS A 881 -7.24 -1.74 14.26
N ASP A 882 -6.36 -2.73 14.15
CA ASP A 882 -5.07 -2.50 13.51
C ASP A 882 -5.24 -2.07 12.06
N LYS A 883 -6.19 -2.67 11.34
CA LYS A 883 -6.47 -2.25 9.99
C LYS A 883 -6.95 -0.80 9.95
N LYS A 884 -7.89 -0.46 10.82
CA LYS A 884 -8.44 0.89 10.81
C LYS A 884 -7.35 1.92 11.03
N GLU A 885 -6.57 1.75 12.11
CA GLU A 885 -5.44 2.63 12.35
C GLU A 885 -4.48 2.63 11.17
N LEU A 886 -4.27 1.47 10.56
CA LEU A 886 -3.40 1.40 9.40
C LEU A 886 -3.94 2.28 8.28
N GLU A 887 -5.25 2.22 8.05
CA GLU A 887 -5.86 3.08 7.04
C GLU A 887 -5.62 4.55 7.35
N GLY A 888 -5.56 4.90 8.65
CA GLY A 888 -5.18 6.25 9.01
C GLY A 888 -3.76 6.58 8.61
N SER A 889 -2.83 5.68 8.93
CA SER A 889 -1.43 5.96 8.62
C SER A 889 -1.21 6.09 7.12
N GLY A 890 -1.75 5.13 6.36
CA GLY A 890 -1.67 5.23 4.91
C GLY A 890 -2.31 6.49 4.36
N LYS A 891 -3.30 7.02 5.06
CA LYS A 891 -3.83 8.32 4.67
C LYS A 891 -2.77 9.40 4.83
N ILE A 892 -2.17 9.49 6.02
CA ILE A 892 -1.26 10.58 6.34
C ILE A 892 -0.10 10.58 5.35
N ALA A 893 0.47 9.41 5.08
CA ALA A 893 1.56 9.31 4.13
C ALA A 893 1.14 9.78 2.75
N THR A 894 0.00 9.27 2.26
CA THR A 894 -0.40 9.58 0.90
C THR A 894 -0.69 11.06 0.73
N GLU A 895 -1.44 11.64 1.67
CA GLU A 895 -1.71 13.08 1.65
C GLU A 895 -0.40 13.86 1.64
N ALA A 896 0.64 13.33 2.30
CA ALA A 896 1.93 14.02 2.33
C ALA A 896 2.68 13.82 1.01
N ILE A 897 2.51 12.66 0.37
CA ILE A 897 3.28 12.37 -0.84
C ILE A 897 2.65 13.03 -2.06
N GLU A 898 1.32 12.99 -2.13
CA GLU A 898 0.63 13.66 -3.24
C GLU A 898 0.80 15.17 -3.18
N ASN A 899 0.76 15.74 -1.99
CA ASN A 899 0.89 17.18 -1.79
C ASN A 899 2.29 17.60 -1.38
N PHE A 900 3.31 16.92 -1.90
CA PHE A 900 4.67 17.09 -1.38
C PHE A 900 5.18 18.52 -1.58
N ARG A 901 4.84 19.14 -2.71
CA ARG A 901 5.32 20.50 -2.98
C ARG A 901 4.77 21.48 -1.95
N THR A 902 3.49 21.34 -1.61
CA THR A 902 2.90 22.19 -0.57
C THR A 902 3.56 21.93 0.79
N VAL A 903 3.81 20.66 1.11
CA VAL A 903 4.43 20.32 2.40
C VAL A 903 5.82 20.95 2.49
N VAL A 904 6.60 20.86 1.41
CA VAL A 904 7.94 21.43 1.39
C VAL A 904 7.88 22.95 1.47
N SER A 905 6.94 23.56 0.75
CA SER A 905 6.80 25.01 0.81
C SER A 905 6.40 25.48 2.20
N LEU A 906 5.57 24.70 2.89
CA LEU A 906 5.12 25.04 4.23
C LEU A 906 6.09 24.59 5.32
N THR A 907 7.19 23.95 4.94
CA THR A 907 8.17 23.37 5.89
C THR A 907 7.47 22.48 6.91
N ARG A 908 6.56 21.63 6.44
CA ARG A 908 5.75 20.80 7.31
C ARG A 908 6.13 19.32 7.25
N GLU A 909 7.36 19.01 6.83
CA GLU A 909 7.79 17.61 6.81
C GLU A 909 7.82 17.02 8.22
N GLN A 910 8.32 17.79 9.19
CA GLN A 910 8.40 17.31 10.56
C GLN A 910 7.02 17.09 11.16
N LYS A 911 6.08 18.00 10.87
CA LYS A 911 4.72 17.84 11.38
C LYS A 911 4.06 16.59 10.83
N PHE A 912 4.23 16.33 9.53
CA PHE A 912 3.65 15.13 8.93
C PHE A 912 4.34 13.87 9.45
N GLU A 913 5.64 13.96 9.71
CA GLU A 913 6.34 12.83 10.33
C GLU A 913 5.80 12.55 11.73
N THR A 914 5.52 13.60 12.49
CA THR A 914 4.95 13.43 13.83
C THR A 914 3.56 12.80 13.75
N MET A 915 2.73 13.25 12.81
CA MET A 915 1.42 12.63 12.65
C MET A 915 1.53 11.17 12.24
N TYR A 916 2.46 10.86 11.33
CA TYR A 916 2.65 9.48 10.90
C TYR A 916 3.11 8.60 12.07
N ALA A 917 4.02 9.12 12.90
CA ALA A 917 4.46 8.37 14.07
C ALA A 917 3.33 8.16 15.06
N GLN A 918 2.49 9.19 15.25
CA GLN A 918 1.35 9.06 16.15
C GLN A 918 0.35 8.01 15.65
N SER A 919 0.14 7.96 14.33
CA SER A 919 -0.81 7.01 13.78
C SER A 919 -0.33 5.56 13.88
N LEU A 920 0.94 5.36 14.26
CA LEU A 920 1.50 4.02 14.38
C LEU A 920 1.49 3.49 15.81
N GLN A 921 1.04 4.32 16.76
CA GLN A 921 1.11 3.93 18.19
C GLN A 921 0.23 2.72 18.50
N ILE A 922 -1.06 2.76 18.16
CA ILE A 922 -1.96 1.63 18.54
C ILE A 922 -1.50 0.34 17.85
N PRO A 923 -1.18 0.29 16.54
CA PRO A 923 -0.67 -0.94 15.93
C PRO A 923 0.62 -1.41 16.60
N TYR A 924 1.53 -0.48 16.92
CA TYR A 924 2.82 -0.84 17.54
C TYR A 924 2.56 -1.49 18.90
N ARG A 925 1.64 -0.94 19.70
CA ARG A 925 1.32 -1.50 21.03
C ARG A 925 0.68 -2.89 20.85
N ASN A 926 -0.16 -3.05 19.83
CA ASN A 926 -0.85 -4.35 19.59
C ASN A 926 0.20 -5.38 19.14
N ALA A 927 1.31 -4.92 18.57
CA ALA A 927 2.36 -5.82 18.09
C ALA A 927 3.15 -6.31 19.28
N MET A 928 3.29 -5.48 20.28
CA MET A 928 3.90 -5.87 21.52
C MET A 928 3.00 -6.78 22.30
N LYS A 929 1.68 -6.56 22.23
CA LYS A 929 0.70 -7.42 22.93
C LYS A 929 0.69 -8.79 22.25
N LYS A 930 0.76 -8.80 20.91
CA LYS A 930 0.75 -10.07 20.14
C LYS A 930 1.99 -10.90 20.51
N ALA A 931 3.15 -10.25 20.68
CA ALA A 931 4.40 -10.97 21.02
C ALA A 931 4.18 -11.83 22.27
N HIS A 932 3.56 -11.27 23.31
CA HIS A 932 3.35 -12.00 24.56
C HIS A 932 2.23 -12.99 24.33
N VAL A 933 1.21 -12.61 23.60
CA VAL A 933 0.07 -13.52 23.40
C VAL A 933 0.47 -14.70 22.56
N PHE A 934 1.23 -14.50 21.54
CA PHE A 934 1.65 -15.63 20.73
C PHE A 934 2.78 -16.40 21.41
N GLY A 935 3.66 -15.69 22.12
CA GLY A 935 4.66 -16.39 22.92
C GLY A 935 4.03 -17.30 23.95
N ILE A 936 3.04 -16.80 24.69
CA ILE A 936 2.36 -17.61 25.69
C ILE A 936 1.66 -18.80 25.04
N THR A 937 1.00 -18.58 23.91
CA THR A 937 0.26 -19.66 23.26
C THR A 937 1.21 -20.74 22.73
N PHE A 938 2.28 -20.34 22.06
CA PHE A 938 3.26 -21.31 21.55
C PHE A 938 3.89 -22.08 22.70
N SER A 939 4.25 -21.37 23.78
CA SER A 939 4.83 -21.99 24.95
C SER A 939 3.89 -23.02 25.56
N PHE A 940 2.62 -22.64 25.72
CA PHE A 940 1.64 -23.54 26.30
C PHE A 940 1.42 -24.77 25.42
N THR A 941 1.40 -24.57 24.11
CA THR A 941 1.20 -25.69 23.20
C THR A 941 2.36 -26.69 23.27
N GLN A 942 3.60 -26.18 23.29
CA GLN A 942 4.74 -27.08 23.41
C GLN A 942 4.75 -27.79 24.77
N ALA A 943 4.67 -27.11 25.86
CA ALA A 943 4.54 -27.79 27.13
C ALA A 943 3.53 -28.91 27.05
N MET A 944 2.35 -28.66 26.51
CA MET A 944 1.25 -29.63 26.44
C MET A 944 1.68 -30.82 25.66
N MET A 945 2.48 -30.63 24.66
CA MET A 945 2.96 -31.82 23.98
C MET A 945 3.86 -32.62 24.90
N TYR A 946 4.78 -32.01 25.62
CA TYR A 946 5.71 -32.75 26.51
C TYR A 946 4.90 -33.35 27.64
N PHE A 947 3.93 -32.65 28.14
CA PHE A 947 3.04 -33.13 29.20
C PHE A 947 2.21 -34.33 28.73
N SER A 948 1.93 -34.42 27.44
CA SER A 948 1.15 -35.54 26.89
C SER A 948 2.10 -36.68 26.70
N TYR A 949 3.30 -36.35 26.28
CA TYR A 949 4.31 -37.41 26.18
C TYR A 949 4.52 -38.10 27.53
N ALA A 950 4.60 -37.35 28.61
CA ALA A 950 4.82 -37.92 29.94
C ALA A 950 3.67 -38.81 30.33
N ALA A 951 2.48 -38.35 30.11
CA ALA A 951 1.27 -39.09 30.40
C ALA A 951 1.25 -40.37 29.61
N ALA A 952 1.72 -40.32 28.40
CA ALA A 952 1.65 -41.50 27.56
C ALA A 952 2.58 -42.54 28.13
N PHE A 953 3.72 -42.11 28.59
CA PHE A 953 4.74 -43.02 29.10
C PHE A 953 4.22 -43.61 30.39
N ARG A 954 3.55 -42.80 31.17
CA ARG A 954 2.96 -43.34 32.38
C ARG A 954 1.83 -44.28 32.03
N PHE A 955 0.99 -43.85 31.09
CA PHE A 955 -0.20 -44.67 30.81
C PHE A 955 0.34 -45.93 30.22
N GLY A 956 1.39 -45.77 29.45
CA GLY A 956 1.93 -46.94 28.75
C GLY A 956 2.35 -48.02 29.70
N ALA A 957 2.97 -47.66 30.80
CA ALA A 957 3.48 -48.67 31.73
C ALA A 957 2.34 -49.44 32.40
N TYR A 958 1.26 -48.76 32.75
CA TYR A 958 0.20 -49.48 33.44
C TYR A 958 -0.28 -50.55 32.49
N LEU A 959 -0.43 -50.19 31.24
CA LEU A 959 -0.86 -51.15 30.21
C LEU A 959 0.17 -52.27 30.14
N VAL A 960 1.44 -51.97 30.16
CA VAL A 960 2.39 -53.06 30.02
C VAL A 960 2.50 -53.87 31.31
N THR A 961 2.51 -53.19 32.46
CA THR A 961 2.59 -53.93 33.72
C THR A 961 1.33 -54.76 33.95
N GLN A 962 0.24 -54.45 33.25
CA GLN A 962 -0.99 -55.23 33.32
C GLN A 962 -1.19 -56.12 32.10
N GLN A 963 -0.16 -56.26 31.25
CA GLN A 963 -0.21 -57.14 30.08
C GLN A 963 -1.34 -56.76 29.14
N LEU A 964 -1.61 -55.46 28.99
CA LEU A 964 -2.64 -54.99 28.09
C LEU A 964 -2.12 -54.55 26.74
N MET A 965 -0.81 -54.46 26.56
CA MET A 965 -0.22 -54.05 25.28
C MET A 965 1.25 -54.39 25.28
N THR A 966 1.74 -54.80 24.11
CA THR A 966 3.16 -55.08 23.94
C THR A 966 3.97 -53.77 24.03
N PHE A 967 5.16 -53.86 24.62
CA PHE A 967 6.01 -52.68 24.73
C PHE A 967 6.45 -52.17 23.36
N GLU A 968 6.65 -53.08 22.40
CA GLU A 968 6.96 -52.64 21.05
C GLU A 968 5.82 -51.82 20.48
N ASN A 969 4.57 -52.25 20.72
CA ASN A 969 3.42 -51.46 20.29
C ASN A 969 3.39 -50.11 20.99
N VAL A 970 3.73 -50.08 22.28
CA VAL A 970 3.75 -48.81 23.01
C VAL A 970 4.75 -47.85 22.39
N LEU A 971 5.95 -48.35 22.09
CA LEU A 971 6.97 -47.50 21.48
C LEU A 971 6.54 -47.02 20.11
N LEU A 972 5.92 -47.91 19.31
CA LEU A 972 5.45 -47.51 17.99
C LEU A 972 4.39 -46.43 18.08
N VAL A 973 3.44 -46.58 19.02
CA VAL A 973 2.40 -45.58 19.19
C VAL A 973 2.98 -44.24 19.65
N PHE A 974 3.96 -44.34 20.54
CA PHE A 974 4.56 -43.09 21.05
C PHE A 974 5.30 -42.38 19.90
N SER A 975 6.03 -43.13 19.09
CA SER A 975 6.74 -42.55 17.95
C SER A 975 5.74 -41.93 16.98
N ALA A 976 4.61 -42.61 16.76
CA ALA A 976 3.56 -42.03 15.92
C ALA A 976 3.08 -40.71 16.48
N ILE A 977 2.83 -40.65 17.79
CA ILE A 977 2.32 -39.44 18.41
C ILE A 977 3.33 -38.30 18.31
N VAL A 978 4.61 -38.60 18.55
CA VAL A 978 5.61 -37.53 18.53
C VAL A 978 5.82 -37.03 17.10
N PHE A 979 5.83 -37.94 16.12
CA PHE A 979 5.96 -37.52 14.73
C PHE A 979 4.76 -36.68 14.29
N GLY A 980 3.56 -37.08 14.71
CA GLY A 980 2.37 -36.31 14.37
C GLY A 980 2.34 -34.96 15.05
N ALA A 981 2.81 -34.90 16.31
CA ALA A 981 2.73 -33.68 17.08
C ALA A 981 3.85 -32.70 16.77
N MET A 982 4.92 -33.15 16.11
CA MET A 982 6.01 -32.25 15.76
C MET A 982 5.51 -31.07 14.91
N ALA A 983 4.39 -31.25 14.21
CA ALA A 983 3.85 -30.17 13.38
C ALA A 983 2.81 -29.32 14.12
N VAL A 984 2.52 -29.63 15.38
CA VAL A 984 1.52 -28.87 16.13
C VAL A 984 1.95 -27.43 16.33
N GLY A 985 3.25 -27.20 16.51
CA GLY A 985 3.73 -25.83 16.60
C GLY A 985 3.45 -25.01 15.36
N GLN A 986 3.70 -25.58 14.19
CA GLN A 986 3.36 -24.90 12.94
C GLN A 986 1.87 -24.71 12.77
N VAL A 987 1.06 -25.70 13.19
CA VAL A 987 -0.39 -25.53 13.13
C VAL A 987 -0.83 -24.37 14.01
N SER A 988 -0.28 -24.28 15.22
CA SER A 988 -0.65 -23.21 16.13
C SER A 988 -0.17 -21.86 15.61
N SER A 989 0.96 -21.84 14.92
CA SER A 989 1.43 -20.61 14.30
C SER A 989 0.52 -20.11 13.20
N PHE A 990 -0.40 -20.94 12.71
CA PHE A 990 -1.37 -20.52 11.70
C PHE A 990 -2.49 -19.68 12.29
N ALA A 991 -2.65 -19.70 13.61
CA ALA A 991 -3.73 -18.93 14.23
C ALA A 991 -3.66 -17.44 13.97
N PRO A 992 -2.51 -16.75 14.10
CA PRO A 992 -2.50 -15.32 13.77
C PRO A 992 -2.88 -15.02 12.33
N ASP A 993 -2.51 -15.89 11.39
CA ASP A 993 -2.81 -15.65 9.98
C ASP A 993 -4.29 -15.82 9.68
N TYR A 994 -4.91 -16.84 10.28
CA TYR A 994 -6.31 -17.15 9.96
C TYR A 994 -7.25 -16.03 10.39
N ALA A 995 -7.00 -15.46 11.57
CA ALA A 995 -7.88 -14.40 12.06
C ALA A 995 -7.80 -13.16 11.18
N LYS A 996 -6.58 -12.74 10.82
CA LYS A 996 -6.41 -11.61 9.93
C LYS A 996 -7.06 -11.88 8.58
N ALA A 997 -6.88 -13.09 8.05
CA ALA A 997 -7.49 -13.44 6.78
C ALA A 997 -9.00 -13.39 6.86
N THR A 998 -9.58 -13.85 7.98
CA THR A 998 -11.03 -13.83 8.13
C THR A 998 -11.56 -12.40 8.16
N VAL A 999 -10.88 -11.51 8.90
CA VAL A 999 -11.32 -10.12 8.95
C VAL A 999 -11.22 -9.47 7.57
N SER A 1000 -10.09 -9.65 6.89
CA SER A 1000 -9.92 -9.05 5.57
C SER A 1000 -10.88 -9.65 4.56
N ALA A 1001 -11.21 -10.93 4.71
CA ALA A 1001 -12.19 -11.56 3.85
C ALA A 1001 -13.56 -10.96 4.05
N SER A 1002 -13.93 -10.69 5.31
CA SER A 1002 -15.21 -10.03 5.56
C SER A 1002 -15.27 -8.66 4.91
N HIS A 1003 -14.19 -7.87 5.03
CA HIS A 1003 -14.17 -6.56 4.39
C HIS A 1003 -14.24 -6.68 2.86
N ILE A 1004 -13.52 -7.64 2.29
CA ILE A 1004 -13.53 -7.81 0.84
C ILE A 1004 -14.93 -8.21 0.34
N ILE A 1005 -15.58 -9.14 1.05
CA ILE A 1005 -16.95 -9.49 0.70
C ILE A 1005 -17.87 -8.29 0.81
N ARG A 1006 -17.72 -7.46 1.85
CA ARG A 1006 -18.60 -6.30 1.96
C ARG A 1006 -18.38 -5.30 0.83
N ILE A 1007 -17.13 -5.06 0.44
CA ILE A 1007 -16.88 -4.07 -0.60
C ILE A 1007 -17.33 -4.57 -1.97
N ILE A 1008 -17.14 -5.86 -2.26
CA ILE A 1008 -17.55 -6.37 -3.58
C ILE A 1008 -19.06 -6.32 -3.74
N GLU A 1009 -19.80 -6.59 -2.67
CA GLU A 1009 -21.25 -6.63 -2.74
C GLU A 1009 -21.91 -5.26 -2.68
N LYS A 1010 -21.14 -4.19 -2.49
CA LYS A 1010 -21.71 -2.87 -2.34
C LYS A 1010 -22.27 -2.38 -3.68
N THR A 1011 -23.49 -1.85 -3.65
CA THR A 1011 -24.15 -1.37 -4.86
C THR A 1011 -24.38 0.13 -4.76
N PRO A 1012 -23.83 0.93 -5.66
CA PRO A 1012 -24.05 2.38 -5.59
C PRO A 1012 -25.46 2.77 -5.97
N GLU A 1013 -25.89 3.93 -5.46
CA GLU A 1013 -27.20 4.46 -5.84
C GLU A 1013 -27.23 4.87 -7.31
N ILE A 1014 -26.20 5.56 -7.77
CA ILE A 1014 -26.04 5.88 -9.19
C ILE A 1014 -25.02 4.92 -9.79
N ASP A 1015 -25.49 3.79 -10.32
CA ASP A 1015 -24.58 2.76 -10.82
C ASP A 1015 -24.08 3.09 -12.22
N SER A 1016 -22.77 3.26 -12.36
CA SER A 1016 -22.15 3.53 -13.64
C SER A 1016 -21.94 2.27 -14.48
N TYR A 1017 -21.98 1.09 -13.86
CA TYR A 1017 -21.84 -0.15 -14.59
C TYR A 1017 -23.16 -0.68 -15.12
N SER A 1018 -24.27 -0.06 -14.74
CA SER A 1018 -25.59 -0.55 -15.11
C SER A 1018 -25.83 -0.37 -16.60
N THR A 1019 -26.34 -1.42 -17.23
CA THR A 1019 -26.77 -1.35 -18.62
C THR A 1019 -28.20 -0.88 -18.78
N GLN A 1020 -28.93 -0.72 -17.67
CA GLN A 1020 -30.30 -0.26 -17.72
C GLN A 1020 -30.35 1.25 -17.90
N GLY A 1021 -31.45 1.72 -18.49
CA GLY A 1021 -31.64 3.13 -18.71
C GLY A 1021 -31.86 3.46 -20.17
N LEU A 1022 -32.57 4.56 -20.43
CA LEU A 1022 -32.87 4.94 -21.81
C LEU A 1022 -31.63 5.50 -22.49
N LYS A 1023 -31.42 5.06 -23.73
CA LYS A 1023 -30.37 5.61 -24.59
C LYS A 1023 -31.03 6.20 -25.82
N PRO A 1024 -31.37 7.49 -25.82
CA PRO A 1024 -32.10 8.06 -26.96
C PRO A 1024 -31.32 7.93 -28.26
N ASN A 1025 -32.07 7.70 -29.35
CA ASN A 1025 -31.44 7.53 -30.67
C ASN A 1025 -30.74 8.81 -31.11
N MET A 1026 -31.36 9.97 -30.89
CA MET A 1026 -30.75 11.25 -31.21
C MET A 1026 -30.83 12.16 -29.98
N LEU A 1027 -29.93 13.13 -29.93
CA LEU A 1027 -29.90 14.07 -28.82
C LEU A 1027 -29.98 15.48 -29.38
N GLU A 1028 -31.02 16.22 -28.98
CA GLU A 1028 -31.20 17.60 -29.41
C GLU A 1028 -30.32 18.58 -28.64
N GLY A 1029 -29.97 18.28 -27.40
CA GLY A 1029 -29.11 19.16 -26.63
C GLY A 1029 -29.83 20.15 -25.75
N ASN A 1030 -31.08 19.87 -25.37
CA ASN A 1030 -31.83 20.74 -24.47
C ASN A 1030 -31.56 20.32 -23.03
N VAL A 1031 -31.09 21.27 -22.22
CA VAL A 1031 -30.78 21.03 -20.82
C VAL A 1031 -31.65 21.95 -19.97
N GLN A 1032 -32.37 21.37 -19.02
CA GLN A 1032 -33.28 22.12 -18.17
C GLN A 1032 -33.11 21.72 -16.71
N PHE A 1033 -33.08 22.71 -15.83
CA PHE A 1033 -33.12 22.50 -14.39
C PHE A 1033 -34.44 23.08 -13.88
N SER A 1034 -35.24 22.26 -13.22
CA SER A 1034 -36.55 22.67 -12.73
C SER A 1034 -36.60 22.48 -11.23
N GLY A 1035 -36.50 23.59 -10.49
CA GLY A 1035 -36.65 23.57 -9.04
C GLY A 1035 -35.67 22.68 -8.32
N VAL A 1036 -34.42 22.63 -8.80
CA VAL A 1036 -33.44 21.72 -8.24
C VAL A 1036 -33.04 22.20 -6.85
N VAL A 1037 -33.12 21.31 -5.87
CA VAL A 1037 -32.69 21.55 -4.49
C VAL A 1037 -31.69 20.46 -4.13
N PHE A 1038 -30.48 20.87 -3.74
CA PHE A 1038 -29.43 19.91 -3.49
C PHE A 1038 -28.63 20.30 -2.25
N ASN A 1039 -28.35 19.31 -1.42
CA ASN A 1039 -27.45 19.44 -0.28
C ASN A 1039 -26.35 18.40 -0.44
N TYR A 1040 -25.10 18.81 -0.25
CA TYR A 1040 -23.99 17.87 -0.33
C TYR A 1040 -24.07 16.88 0.83
N PRO A 1041 -23.82 15.59 0.57
CA PRO A 1041 -23.95 14.59 1.63
C PRO A 1041 -23.01 14.80 2.81
N THR A 1042 -21.80 15.33 2.58
CA THR A 1042 -20.87 15.51 3.69
C THR A 1042 -21.30 16.65 4.60
N ARG A 1043 -22.01 17.63 4.07
CA ARG A 1043 -22.55 18.74 4.86
C ARG A 1043 -24.04 18.87 4.53
N PRO A 1044 -24.86 17.91 4.98
CA PRO A 1044 -26.28 17.91 4.59
C PRO A 1044 -27.09 19.04 5.20
N SER A 1045 -26.60 19.69 6.26
CA SER A 1045 -27.34 20.77 6.89
C SER A 1045 -27.33 22.05 6.09
N ILE A 1046 -26.44 22.20 5.12
CA ILE A 1046 -26.30 23.42 4.33
C ILE A 1046 -27.02 23.21 3.00
N PRO A 1047 -28.11 23.92 2.73
CA PRO A 1047 -28.71 23.85 1.40
C PRO A 1047 -27.89 24.63 0.38
N VAL A 1048 -27.36 23.95 -0.63
CA VAL A 1048 -26.53 24.60 -1.63
C VAL A 1048 -27.38 25.23 -2.71
N LEU A 1049 -28.36 24.48 -3.23
CA LEU A 1049 -29.27 24.98 -4.26
C LEU A 1049 -30.68 24.99 -3.70
N GLN A 1050 -31.38 26.12 -3.87
CA GLN A 1050 -32.75 26.31 -3.37
C GLN A 1050 -33.64 26.60 -4.58
N GLY A 1051 -34.18 25.54 -5.17
CA GLY A 1051 -35.08 25.70 -6.30
C GLY A 1051 -34.46 26.36 -7.51
N LEU A 1052 -33.25 25.95 -7.89
CA LEU A 1052 -32.61 26.50 -9.07
C LEU A 1052 -33.34 26.05 -10.32
N SER A 1053 -33.60 27.00 -11.22
CA SER A 1053 -34.26 26.72 -12.49
C SER A 1053 -33.53 27.45 -13.61
N LEU A 1054 -33.25 26.73 -14.69
CA LEU A 1054 -32.52 27.30 -15.82
C LEU A 1054 -32.82 26.47 -17.05
N GLU A 1055 -32.56 27.06 -18.22
CA GLU A 1055 -32.77 26.38 -19.49
C GLU A 1055 -31.67 26.77 -20.46
N VAL A 1056 -31.32 25.84 -21.35
CA VAL A 1056 -30.38 26.12 -22.42
C VAL A 1056 -30.64 25.13 -23.55
N LYS A 1057 -30.56 25.63 -24.79
CA LYS A 1057 -30.96 24.88 -25.96
C LYS A 1057 -29.75 24.68 -26.87
N LYS A 1058 -29.97 23.93 -27.95
CA LYS A 1058 -28.91 23.71 -28.93
C LYS A 1058 -28.53 25.02 -29.61
N GLY A 1059 -27.22 25.25 -29.74
CA GLY A 1059 -26.73 26.47 -30.33
C GLY A 1059 -26.69 27.66 -29.40
N GLN A 1060 -27.12 27.49 -28.16
CA GLN A 1060 -27.13 28.57 -27.17
C GLN A 1060 -25.97 28.39 -26.21
N THR A 1061 -25.48 29.50 -25.68
CA THR A 1061 -24.43 29.49 -24.66
C THR A 1061 -25.01 30.07 -23.38
N LEU A 1062 -24.90 29.30 -22.30
CA LEU A 1062 -25.37 29.71 -20.98
C LEU A 1062 -24.18 30.07 -20.12
N ALA A 1063 -24.15 31.30 -19.63
CA ALA A 1063 -23.05 31.79 -18.79
C ALA A 1063 -23.53 31.90 -17.35
N LEU A 1064 -23.04 31.02 -16.49
CA LEU A 1064 -23.33 31.05 -15.07
C LEU A 1064 -22.31 31.94 -14.37
N VAL A 1065 -22.77 33.03 -13.77
CA VAL A 1065 -21.91 33.93 -13.02
C VAL A 1065 -22.47 34.07 -11.61
N GLY A 1066 -21.65 34.58 -10.72
CA GLY A 1066 -22.03 34.79 -9.33
C GLY A 1066 -20.84 34.75 -8.40
N SER A 1067 -21.12 34.90 -7.11
CA SER A 1067 -20.06 34.94 -6.11
C SER A 1067 -19.50 33.55 -5.86
N SER A 1068 -18.32 33.51 -5.24
CA SER A 1068 -17.68 32.26 -4.90
C SER A 1068 -18.52 31.47 -3.90
N GLY A 1069 -18.65 30.17 -4.14
CA GLY A 1069 -19.42 29.31 -3.27
C GLY A 1069 -20.92 29.35 -3.49
N GLY A 1070 -21.38 29.99 -4.56
CA GLY A 1070 -22.79 30.13 -4.83
C GLY A 1070 -23.46 28.94 -5.47
N GLY A 1071 -22.71 27.91 -5.83
CA GLY A 1071 -23.29 26.71 -6.41
C GLY A 1071 -23.13 26.56 -7.91
N LYS A 1072 -22.21 27.29 -8.54
CA LYS A 1072 -22.02 27.18 -9.98
C LYS A 1072 -21.47 25.80 -10.36
N SER A 1073 -20.41 25.37 -9.68
CA SER A 1073 -19.85 24.05 -9.95
C SER A 1073 -20.81 22.94 -9.54
N THR A 1074 -21.70 23.24 -8.59
CA THR A 1074 -22.71 22.26 -8.19
C THR A 1074 -23.64 21.90 -9.35
N VAL A 1075 -23.99 22.89 -10.17
CA VAL A 1075 -24.83 22.64 -11.34
C VAL A 1075 -24.17 21.66 -12.29
N VAL A 1076 -22.88 21.87 -12.56
CA VAL A 1076 -22.16 21.00 -13.48
C VAL A 1076 -22.00 19.61 -12.90
N GLN A 1077 -21.77 19.52 -11.59
CA GLN A 1077 -21.67 18.21 -10.95
C GLN A 1077 -22.99 17.47 -11.00
N LEU A 1078 -24.11 18.19 -10.86
CA LEU A 1078 -25.41 17.53 -10.89
C LEU A 1078 -25.79 17.13 -12.31
N LEU A 1079 -25.32 17.87 -13.31
CA LEU A 1079 -25.59 17.49 -14.69
C LEU A 1079 -24.84 16.22 -15.07
N GLU A 1080 -23.72 15.96 -14.42
CA GLU A 1080 -22.95 14.74 -14.62
C GLU A 1080 -23.48 13.57 -13.79
N ARG A 1081 -24.52 13.81 -12.98
CA ARG A 1081 -25.07 12.81 -12.07
C ARG A 1081 -24.02 12.28 -11.10
N PHE A 1082 -23.18 13.18 -10.60
CA PHE A 1082 -22.33 12.83 -9.46
C PHE A 1082 -23.17 12.62 -8.20
N TYR A 1083 -24.23 13.42 -8.04
CA TYR A 1083 -25.17 13.27 -6.95
C TYR A 1083 -26.57 13.42 -7.51
N ASP A 1084 -27.56 13.04 -6.71
CA ASP A 1084 -28.93 13.33 -7.12
C ASP A 1084 -29.50 14.47 -6.30
N PRO A 1085 -30.32 15.33 -6.90
CA PRO A 1085 -30.93 16.43 -6.14
C PRO A 1085 -31.94 15.92 -5.12
N MET A 1086 -32.05 16.65 -4.01
CA MET A 1086 -33.05 16.32 -3.00
C MET A 1086 -34.46 16.54 -3.52
N ALA A 1087 -34.67 17.63 -4.26
CA ALA A 1087 -35.95 17.93 -4.88
C ALA A 1087 -35.69 18.53 -6.25
N GLY A 1088 -36.75 18.68 -7.02
CA GLY A 1088 -36.64 19.19 -8.38
C GLY A 1088 -36.16 18.12 -9.33
N SER A 1089 -35.87 18.54 -10.56
CA SER A 1089 -35.48 17.60 -11.59
C SER A 1089 -34.57 18.26 -12.62
N VAL A 1090 -33.84 17.42 -13.33
CA VAL A 1090 -32.97 17.84 -14.43
C VAL A 1090 -33.37 17.06 -15.67
N PHE A 1091 -33.61 17.77 -16.76
CA PHE A 1091 -34.10 17.18 -18.00
C PHE A 1091 -33.09 17.37 -19.11
N LEU A 1092 -32.90 16.32 -19.91
CA LEU A 1092 -32.11 16.37 -21.13
C LEU A 1092 -33.04 16.02 -22.28
N ASP A 1093 -33.33 17.01 -23.13
CA ASP A 1093 -34.31 16.87 -24.21
C ASP A 1093 -35.68 16.49 -23.65
N GLY A 1094 -36.02 17.04 -22.50
CA GLY A 1094 -37.30 16.76 -21.87
C GLY A 1094 -37.38 15.45 -21.13
N LYS A 1095 -36.30 14.67 -21.10
CA LYS A 1095 -36.27 13.39 -20.40
C LYS A 1095 -35.45 13.56 -19.14
N GLU A 1096 -36.04 13.17 -18.00
CA GLU A 1096 -35.37 13.32 -16.72
C GLU A 1096 -34.16 12.38 -16.66
N ILE A 1097 -33.03 12.92 -16.19
CA ILE A 1097 -31.75 12.25 -16.40
C ILE A 1097 -31.58 11.03 -15.50
N LYS A 1098 -32.47 10.83 -14.53
CA LYS A 1098 -32.42 9.60 -13.75
C LYS A 1098 -32.85 8.40 -14.60
N GLN A 1099 -33.72 8.62 -15.58
CA GLN A 1099 -34.19 7.53 -16.42
C GLN A 1099 -33.14 7.12 -17.43
N LEU A 1100 -32.25 8.04 -17.80
CA LEU A 1100 -31.26 7.75 -18.83
C LEU A 1100 -30.17 6.84 -18.28
N ASN A 1101 -29.49 6.14 -19.20
CA ASN A 1101 -28.30 5.38 -18.83
C ASN A 1101 -27.21 6.33 -18.38
N VAL A 1102 -26.53 5.97 -17.28
CA VAL A 1102 -25.56 6.87 -16.68
C VAL A 1102 -24.36 7.08 -17.60
N GLN A 1103 -23.82 5.99 -18.15
CA GLN A 1103 -22.69 6.10 -19.05
C GLN A 1103 -23.08 6.82 -20.34
N TRP A 1104 -24.28 6.53 -20.86
CA TRP A 1104 -24.76 7.24 -22.05
C TRP A 1104 -24.89 8.73 -21.77
N LEU A 1105 -25.45 9.09 -20.62
CA LEU A 1105 -25.61 10.50 -20.29
C LEU A 1105 -24.26 11.20 -20.16
N ARG A 1106 -23.30 10.55 -19.51
CA ARG A 1106 -22.00 11.16 -19.34
C ARG A 1106 -21.21 11.23 -20.65
N ALA A 1107 -21.49 10.33 -21.59
CA ALA A 1107 -20.81 10.37 -22.88
C ALA A 1107 -21.25 11.54 -23.75
N GLN A 1108 -22.42 12.11 -23.50
CA GLN A 1108 -22.87 13.28 -24.24
C GLN A 1108 -22.32 14.58 -23.69
N LEU A 1109 -21.54 14.53 -22.61
CA LEU A 1109 -21.04 15.70 -21.92
C LEU A 1109 -19.53 15.76 -22.08
N GLY A 1110 -19.02 16.96 -22.37
CA GLY A 1110 -17.59 17.23 -22.38
C GLY A 1110 -17.28 18.29 -21.34
N ILE A 1111 -16.55 17.89 -20.30
CA ILE A 1111 -16.37 18.69 -19.10
C ILE A 1111 -14.93 19.19 -19.04
N VAL A 1112 -14.76 20.46 -18.65
CA VAL A 1112 -13.49 21.00 -18.20
C VAL A 1112 -13.70 21.47 -16.77
N SER A 1113 -13.04 20.81 -15.82
CA SER A 1113 -13.26 21.09 -14.41
C SER A 1113 -12.57 22.37 -13.99
N GLN A 1114 -13.00 22.92 -12.83
CA GLN A 1114 -12.43 24.22 -12.38
C GLN A 1114 -10.91 24.08 -12.22
N GLU A 1115 -10.46 23.03 -11.54
CA GLU A 1115 -9.02 22.81 -11.41
C GLU A 1115 -8.69 21.52 -12.15
N PRO A 1116 -8.27 21.58 -13.41
CA PRO A 1116 -8.12 20.37 -14.21
C PRO A 1116 -7.07 19.43 -13.63
N ILE A 1117 -7.30 18.13 -13.82
CA ILE A 1117 -6.39 17.08 -13.37
C ILE A 1117 -6.02 16.22 -14.58
N LEU A 1118 -4.72 16.02 -14.77
CA LEU A 1118 -4.22 15.13 -15.81
C LEU A 1118 -3.70 13.85 -15.17
N PHE A 1119 -3.18 12.98 -16.00
CA PHE A 1119 -2.59 11.72 -15.54
C PHE A 1119 -1.10 11.70 -15.82
N ASP A 1120 -0.39 10.83 -15.10
CA ASP A 1120 1.05 10.66 -15.28
C ASP A 1120 1.32 9.83 -16.54
N ARG A 1121 0.85 10.35 -17.66
CA ARG A 1121 0.95 9.68 -18.94
C ARG A 1121 1.34 10.71 -20.00
N SER A 1122 1.34 10.28 -21.25
CA SER A 1122 1.71 11.16 -22.35
C SER A 1122 0.60 12.16 -22.65
N ILE A 1123 0.96 13.21 -23.39
CA ILE A 1123 -0.03 14.21 -23.80
C ILE A 1123 -1.09 13.57 -24.70
N ALA A 1124 -0.65 12.71 -25.62
CA ALA A 1124 -1.59 12.07 -26.54
C ALA A 1124 -2.59 11.20 -25.79
N GLU A 1125 -2.11 10.43 -24.81
CA GLU A 1125 -3.01 9.61 -24.00
C GLU A 1125 -3.94 10.47 -23.16
N ASN A 1126 -3.42 11.58 -22.63
CA ASN A 1126 -4.26 12.47 -21.82
C ASN A 1126 -5.38 13.07 -22.66
N ILE A 1127 -5.09 13.44 -23.90
CA ILE A 1127 -6.14 13.97 -24.77
C ILE A 1127 -7.11 12.87 -25.19
N ALA A 1128 -6.57 11.70 -25.57
CA ALA A 1128 -7.42 10.60 -26.02
C ALA A 1128 -8.26 10.02 -24.89
N TYR A 1129 -7.94 10.35 -23.65
CA TYR A 1129 -8.83 10.03 -22.54
C TYR A 1129 -10.18 10.71 -22.66
N GLY A 1130 -10.27 11.76 -23.48
CA GLY A 1130 -11.53 12.48 -23.62
C GLY A 1130 -12.62 11.68 -24.30
N ASP A 1131 -12.24 10.64 -25.05
CA ASP A 1131 -13.20 9.73 -25.67
C ASP A 1131 -12.71 8.30 -25.47
N ASN A 1132 -13.06 7.70 -24.34
CA ASN A 1132 -12.82 6.28 -24.14
C ASN A 1132 -13.90 5.48 -24.86
N SER A 1133 -13.68 4.17 -24.95
CA SER A 1133 -14.49 3.21 -25.72
C SER A 1133 -14.32 3.44 -27.21
N ARG A 1134 -13.45 4.36 -27.63
CA ARG A 1134 -13.13 4.57 -29.04
C ARG A 1134 -11.65 4.90 -29.14
N VAL A 1135 -10.99 4.32 -30.13
CA VAL A 1135 -9.57 4.57 -30.36
C VAL A 1135 -9.45 5.89 -31.09
N VAL A 1136 -8.96 6.92 -30.40
CA VAL A 1136 -8.80 8.23 -31.00
C VAL A 1136 -7.50 8.26 -31.79
N SER A 1137 -7.59 8.66 -33.05
CA SER A 1137 -6.43 8.67 -33.92
C SER A 1137 -5.54 9.88 -33.63
N TYR A 1138 -4.32 9.82 -34.17
CA TYR A 1138 -3.38 10.92 -34.01
C TYR A 1138 -3.92 12.20 -34.62
N GLU A 1139 -4.60 12.09 -35.76
CA GLU A 1139 -5.13 13.28 -36.43
C GLU A 1139 -6.16 13.99 -35.56
N GLU A 1140 -7.05 13.23 -34.92
CA GLU A 1140 -8.05 13.85 -34.06
C GLU A 1140 -7.41 14.51 -32.84
N ILE A 1141 -6.39 13.86 -32.26
CA ILE A 1141 -5.69 14.44 -31.13
C ILE A 1141 -5.01 15.74 -31.52
N VAL A 1142 -4.36 15.77 -32.68
CA VAL A 1142 -3.69 16.98 -33.15
C VAL A 1142 -4.70 18.07 -33.45
N ARG A 1143 -5.84 17.71 -34.02
CA ARG A 1143 -6.89 18.69 -34.30
C ARG A 1143 -7.43 19.29 -33.01
N ALA A 1144 -7.65 18.47 -31.99
CA ALA A 1144 -8.11 18.98 -30.71
C ALA A 1144 -7.06 19.88 -30.06
N ALA A 1145 -5.80 19.50 -30.15
CA ALA A 1145 -4.73 20.32 -29.60
C ALA A 1145 -4.65 21.67 -30.32
N LYS A 1146 -4.82 21.67 -31.64
CA LYS A 1146 -4.85 22.92 -32.39
C LYS A 1146 -6.04 23.77 -31.98
N GLU A 1147 -7.19 23.13 -31.76
CA GLU A 1147 -8.37 23.87 -31.31
C GLU A 1147 -8.16 24.45 -29.92
N ALA A 1148 -7.31 23.81 -29.11
CA ALA A 1148 -7.03 24.27 -27.76
C ALA A 1148 -5.78 25.14 -27.69
N ASN A 1149 -5.16 25.46 -28.81
CA ASN A 1149 -3.97 26.31 -28.86
C ASN A 1149 -2.84 25.76 -27.99
N ILE A 1150 -2.59 24.46 -28.11
CA ILE A 1150 -1.53 23.82 -27.33
C ILE A 1150 -0.67 22.99 -28.27
N HIS A 1151 -1.08 22.88 -29.54
CA HIS A 1151 -0.36 22.03 -30.48
C HIS A 1151 1.07 22.52 -30.70
N GLN A 1152 1.27 23.84 -30.81
CA GLN A 1152 2.60 24.37 -31.08
C GLN A 1152 3.56 24.05 -29.95
N PHE A 1153 3.12 24.19 -28.70
CA PHE A 1153 3.96 23.87 -27.56
C PHE A 1153 4.34 22.38 -27.54
N ILE A 1154 3.38 21.51 -27.85
CA ILE A 1154 3.68 20.08 -27.86
C ILE A 1154 4.65 19.75 -28.98
N ASP A 1155 4.44 20.34 -30.16
CA ASP A 1155 5.31 20.05 -31.29
C ASP A 1155 6.74 20.55 -31.03
N SER A 1156 6.88 21.73 -30.43
CA SER A 1156 8.21 22.24 -30.13
C SER A 1156 8.89 21.39 -29.06
N LEU A 1157 8.10 20.72 -28.24
CA LEU A 1157 8.65 19.98 -27.12
C LEU A 1157 9.24 18.66 -27.62
N PRO A 1158 10.46 18.30 -27.21
CA PRO A 1158 11.00 16.98 -27.57
C PRO A 1158 10.12 15.86 -27.03
N ASP A 1159 10.01 14.79 -27.80
CA ASP A 1159 9.13 13.64 -27.62
C ASP A 1159 7.69 14.00 -27.97
N LYS A 1160 7.38 15.28 -28.24
CA LYS A 1160 6.09 15.73 -28.73
C LYS A 1160 4.92 15.19 -27.91
N TYR A 1161 3.97 14.55 -28.58
CA TYR A 1161 2.77 14.06 -27.90
C TYR A 1161 3.06 12.87 -26.99
N ASN A 1162 4.24 12.26 -27.10
CA ASN A 1162 4.65 11.20 -26.20
C ASN A 1162 5.28 11.73 -24.92
N THR A 1163 5.40 13.05 -24.77
CA THR A 1163 5.94 13.64 -23.56
C THR A 1163 5.07 13.29 -22.36
N ARG A 1164 5.68 12.63 -21.37
CA ARG A 1164 4.95 12.25 -20.18
C ARG A 1164 4.73 13.47 -19.30
N VAL A 1165 3.48 13.75 -18.99
CA VAL A 1165 3.12 14.83 -18.09
C VAL A 1165 3.32 14.32 -16.67
N GLY A 1166 3.48 15.24 -15.73
CA GLY A 1166 3.67 14.85 -14.35
C GLY A 1166 2.40 14.32 -13.72
N ASP A 1167 2.54 13.90 -12.46
CA ASP A 1167 1.38 13.46 -11.69
C ASP A 1167 0.42 14.61 -11.48
N LYS A 1168 -0.80 14.46 -11.99
CA LYS A 1168 -1.84 15.48 -12.01
C LYS A 1168 -1.48 16.67 -12.90
N GLY A 1169 -0.50 16.53 -13.77
CA GLY A 1169 -0.10 17.59 -14.67
C GLY A 1169 0.83 18.63 -14.08
N THR A 1170 1.59 18.30 -13.04
CA THR A 1170 2.43 19.29 -12.39
C THR A 1170 3.70 19.57 -13.17
N GLN A 1171 4.04 18.72 -14.12
CA GLN A 1171 5.19 18.94 -14.98
C GLN A 1171 4.83 19.72 -16.23
N LEU A 1172 3.79 20.54 -16.13
CA LEU A 1172 3.37 21.44 -17.19
C LEU A 1172 3.08 22.80 -16.57
N SER A 1173 2.93 23.80 -17.43
CA SER A 1173 2.41 25.09 -16.98
C SER A 1173 0.94 24.96 -16.64
N GLY A 1174 0.44 25.90 -15.83
CA GLY A 1174 -0.97 25.92 -15.51
C GLY A 1174 -1.84 26.09 -16.75
N GLY A 1175 -1.47 27.06 -17.60
CA GLY A 1175 -2.14 27.25 -18.87
C GLY A 1175 -2.00 26.10 -19.84
N GLN A 1176 -0.83 25.47 -19.87
CA GLN A 1176 -0.64 24.29 -20.73
C GLN A 1176 -1.52 23.14 -20.26
N LYS A 1177 -1.58 22.90 -18.95
CA LYS A 1177 -2.43 21.84 -18.43
C LYS A 1177 -3.90 22.13 -18.69
N GLN A 1178 -4.32 23.37 -18.49
CA GLN A 1178 -5.70 23.73 -18.78
C GLN A 1178 -6.03 23.56 -20.26
N ARG A 1179 -5.10 23.92 -21.14
CA ARG A 1179 -5.34 23.75 -22.57
C ARG A 1179 -5.38 22.28 -22.96
N ILE A 1180 -4.57 21.45 -22.31
CA ILE A 1180 -4.66 20.01 -22.52
C ILE A 1180 -6.03 19.49 -22.10
N ALA A 1181 -6.54 19.99 -20.97
CA ALA A 1181 -7.87 19.59 -20.52
C ALA A 1181 -8.95 20.04 -21.50
N ILE A 1182 -8.80 21.25 -22.05
CA ILE A 1182 -9.76 21.75 -23.04
C ILE A 1182 -9.73 20.86 -24.28
N ALA A 1183 -8.53 20.48 -24.73
CA ALA A 1183 -8.42 19.58 -25.87
C ALA A 1183 -9.04 18.22 -25.56
N ARG A 1184 -8.86 17.74 -24.33
CA ARG A 1184 -9.47 16.48 -23.91
C ARG A 1184 -11.00 16.56 -24.00
N ALA A 1185 -11.57 17.68 -23.56
CA ALA A 1185 -13.02 17.84 -23.66
C ALA A 1185 -13.48 17.99 -25.10
N LEU A 1186 -12.68 18.66 -25.93
CA LEU A 1186 -13.09 18.94 -27.30
C LEU A 1186 -12.96 17.73 -28.22
N VAL A 1187 -11.99 16.85 -27.97
CA VAL A 1187 -11.80 15.71 -28.85
C VAL A 1187 -13.00 14.78 -28.82
N ARG A 1188 -13.74 14.76 -27.71
CA ARG A 1188 -15.00 14.02 -27.62
C ARG A 1188 -16.05 14.55 -28.59
N GLN A 1189 -15.96 15.81 -28.99
CA GLN A 1189 -17.00 16.49 -29.76
C GLN A 1189 -18.36 16.34 -29.10
N PRO A 1190 -18.52 16.84 -27.87
CA PRO A 1190 -19.76 16.60 -27.13
C PRO A 1190 -20.90 17.49 -27.58
N HIS A 1191 -22.12 17.03 -27.30
CA HIS A 1191 -23.29 17.83 -27.54
C HIS A 1191 -23.50 18.90 -26.46
N ILE A 1192 -23.10 18.62 -25.23
CA ILE A 1192 -23.12 19.61 -24.15
C ILE A 1192 -21.70 19.79 -23.64
N LEU A 1193 -21.18 21.00 -23.76
CA LEU A 1193 -19.84 21.37 -23.32
C LEU A 1193 -19.96 22.19 -22.05
N LEU A 1194 -19.39 21.69 -20.96
CA LEU A 1194 -19.44 22.34 -19.65
C LEU A 1194 -18.04 22.84 -19.30
N LEU A 1195 -17.86 24.15 -19.33
CA LEU A 1195 -16.55 24.77 -19.11
C LEU A 1195 -16.57 25.51 -17.78
N ASP A 1196 -15.98 24.92 -16.73
CA ASP A 1196 -15.93 25.56 -15.42
C ASP A 1196 -14.63 26.35 -15.33
N GLU A 1197 -14.69 27.60 -15.82
CA GLU A 1197 -13.54 28.49 -15.88
C GLU A 1197 -12.36 27.84 -16.61
N ALA A 1198 -12.63 27.42 -17.85
CA ALA A 1198 -11.62 26.76 -18.66
C ALA A 1198 -10.50 27.70 -19.09
N THR A 1199 -10.65 29.02 -18.90
CA THR A 1199 -9.64 29.98 -19.30
C THR A 1199 -9.05 30.74 -18.10
N SER A 1200 -9.12 30.16 -16.90
CA SER A 1200 -8.64 30.85 -15.71
C SER A 1200 -7.12 31.08 -15.76
N ALA A 1201 -6.37 30.08 -16.23
CA ALA A 1201 -4.92 30.14 -16.25
C ALA A 1201 -4.36 30.44 -17.64
N LEU A 1202 -5.20 30.87 -18.57
CA LEU A 1202 -4.79 31.09 -19.95
C LEU A 1202 -4.28 32.51 -20.16
N ASP A 1203 -3.50 32.68 -21.23
CA ASP A 1203 -3.09 34.01 -21.65
C ASP A 1203 -4.24 34.71 -22.37
N THR A 1204 -4.08 36.02 -22.57
CA THR A 1204 -5.07 36.76 -23.35
C THR A 1204 -5.12 36.26 -24.79
N GLU A 1205 -3.95 36.04 -25.40
CA GLU A 1205 -3.92 35.51 -26.77
C GLU A 1205 -4.44 34.08 -26.82
N SER A 1206 -4.05 33.25 -25.85
CA SER A 1206 -4.56 31.88 -25.78
C SER A 1206 -6.06 31.87 -25.54
N GLU A 1207 -6.54 32.75 -24.66
CA GLU A 1207 -7.98 32.83 -24.43
C GLU A 1207 -8.71 33.25 -25.69
N LYS A 1208 -8.14 34.20 -26.44
CA LYS A 1208 -8.76 34.63 -27.68
C LYS A 1208 -8.82 33.50 -28.70
N VAL A 1209 -7.73 32.74 -28.83
CA VAL A 1209 -7.71 31.63 -29.77
C VAL A 1209 -8.71 30.56 -29.38
N VAL A 1210 -8.76 30.20 -28.10
CA VAL A 1210 -9.72 29.18 -27.65
C VAL A 1210 -11.15 29.67 -27.85
N GLN A 1211 -11.41 30.95 -27.54
CA GLN A 1211 -12.75 31.49 -27.67
C GLN A 1211 -13.19 31.51 -29.14
N GLU A 1212 -12.30 31.89 -30.05
CA GLU A 1212 -12.67 31.90 -31.46
C GLU A 1212 -12.86 30.49 -31.98
N ALA A 1213 -12.08 29.53 -31.47
CA ALA A 1213 -12.29 28.13 -31.84
C ALA A 1213 -13.67 27.65 -31.38
N LEU A 1214 -14.07 28.00 -30.16
CA LEU A 1214 -15.41 27.63 -29.69
C LEU A 1214 -16.49 28.33 -30.49
N ASP A 1215 -16.27 29.60 -30.84
CA ASP A 1215 -17.25 30.35 -31.62
C ASP A 1215 -17.45 29.72 -32.99
N LYS A 1216 -16.36 29.22 -33.60
CA LYS A 1216 -16.49 28.57 -34.90
C LYS A 1216 -17.35 27.31 -34.83
N ALA A 1217 -17.48 26.73 -33.64
CA ALA A 1217 -18.26 25.52 -33.42
C ALA A 1217 -19.41 25.77 -32.45
N ARG A 1218 -19.92 26.99 -32.43
CA ARG A 1218 -21.03 27.33 -31.53
C ARG A 1218 -22.28 26.52 -31.88
N GLU A 1219 -22.75 26.64 -33.11
CA GLU A 1219 -23.92 25.90 -33.54
C GLU A 1219 -23.59 24.41 -33.65
N GLY A 1220 -24.55 23.57 -33.28
CA GLY A 1220 -24.38 22.14 -33.26
C GLY A 1220 -24.12 21.56 -31.88
N ARG A 1221 -24.03 22.41 -30.86
CA ARG A 1221 -23.84 21.92 -29.50
C ARG A 1221 -24.37 22.96 -28.52
N THR A 1222 -24.58 22.51 -27.28
CA THR A 1222 -25.07 23.34 -26.19
C THR A 1222 -23.94 23.58 -25.21
N VAL A 1223 -23.67 24.83 -24.89
CA VAL A 1223 -22.52 25.19 -24.07
C VAL A 1223 -22.99 25.86 -22.78
N ILE A 1224 -22.49 25.38 -21.65
CA ILE A 1224 -22.66 26.04 -20.36
C ILE A 1224 -21.28 26.45 -19.87
N VAL A 1225 -21.14 27.73 -19.52
CA VAL A 1225 -19.87 28.34 -19.18
C VAL A 1225 -19.96 28.94 -17.79
N ILE A 1226 -18.99 28.63 -16.94
CA ILE A 1226 -18.77 29.32 -15.67
C ILE A 1226 -17.49 30.11 -15.83
N ALA A 1227 -17.56 31.41 -15.57
CA ALA A 1227 -16.38 32.24 -15.76
C ALA A 1227 -16.47 33.49 -14.89
N HIS A 1228 -15.34 33.87 -14.31
CA HIS A 1228 -15.19 35.16 -13.66
C HIS A 1228 -14.60 36.23 -14.58
N ARG A 1229 -14.27 35.87 -15.81
CA ARG A 1229 -13.76 36.82 -16.79
C ARG A 1229 -14.94 37.43 -17.55
N LEU A 1230 -14.96 38.76 -17.60
CA LEU A 1230 -16.06 39.46 -18.27
C LEU A 1230 -16.10 39.14 -19.76
N SER A 1231 -14.92 39.06 -20.39
CA SER A 1231 -14.84 38.94 -21.85
C SER A 1231 -15.47 37.66 -22.38
N THR A 1232 -15.59 36.63 -21.55
CA THR A 1232 -16.15 35.36 -21.95
C THR A 1232 -17.67 35.31 -21.80
N ILE A 1233 -18.26 36.35 -21.23
CA ILE A 1233 -19.66 36.32 -20.81
C ILE A 1233 -20.57 37.07 -21.77
N GLN A 1234 -20.12 38.21 -22.31
CA GLN A 1234 -21.03 39.05 -23.09
C GLN A 1234 -21.47 38.38 -24.39
N ASN A 1235 -20.66 37.49 -24.95
CA ASN A 1235 -21.04 36.80 -26.18
C ASN A 1235 -22.00 35.65 -25.93
N ALA A 1236 -22.18 35.23 -24.68
CA ALA A 1236 -23.08 34.12 -24.39
C ALA A 1236 -24.52 34.49 -24.74
N ASP A 1237 -25.27 33.51 -25.22
CA ASP A 1237 -26.65 33.75 -25.60
C ASP A 1237 -27.50 34.17 -24.40
N LEU A 1238 -27.32 33.51 -23.26
CA LEU A 1238 -28.05 33.88 -22.05
C LEU A 1238 -27.12 33.84 -20.85
N ILE A 1239 -27.38 34.72 -19.89
CA ILE A 1239 -26.56 34.89 -18.69
C ILE A 1239 -27.43 34.67 -17.48
N VAL A 1240 -26.95 33.87 -16.53
CA VAL A 1240 -27.67 33.59 -15.29
C VAL A 1240 -26.79 34.00 -14.12
N VAL A 1241 -27.34 34.87 -13.27
CA VAL A 1241 -26.67 35.30 -12.04
C VAL A 1241 -27.18 34.42 -10.91
N ILE A 1242 -26.29 33.69 -10.26
CA ILE A 1242 -26.63 32.77 -9.18
C ILE A 1242 -26.10 33.32 -7.88
N GLN A 1243 -27.00 33.54 -6.92
CA GLN A 1243 -26.63 33.88 -5.55
C GLN A 1243 -27.46 33.05 -4.61
N ASN A 1244 -26.80 32.50 -3.58
CA ASN A 1244 -27.46 31.68 -2.57
C ASN A 1244 -28.34 30.61 -3.22
N GLY A 1245 -27.75 29.87 -4.16
CA GLY A 1245 -28.44 28.79 -4.83
C GLY A 1245 -29.66 29.19 -5.63
N LYS A 1246 -29.81 30.47 -5.96
CA LYS A 1246 -31.00 30.94 -6.66
C LYS A 1246 -30.61 31.84 -7.82
N VAL A 1247 -31.49 31.89 -8.82
CA VAL A 1247 -31.31 32.81 -9.94
C VAL A 1247 -31.87 34.17 -9.57
N LYS A 1248 -31.03 35.20 -9.64
CA LYS A 1248 -31.48 36.57 -9.41
C LYS A 1248 -31.64 37.37 -10.70
N GLU A 1249 -30.64 37.33 -11.58
CA GLU A 1249 -30.69 38.06 -12.83
C GLU A 1249 -30.47 37.11 -14.00
N HIS A 1250 -31.35 37.20 -15.00
CA HIS A 1250 -31.25 36.39 -16.21
C HIS A 1250 -31.51 37.27 -17.42
N GLY A 1251 -30.76 37.04 -18.48
CA GLY A 1251 -30.92 37.78 -19.71
C GLY A 1251 -29.59 37.93 -20.42
N THR A 1252 -29.62 38.68 -21.51
CA THR A 1252 -28.41 38.92 -22.30
C THR A 1252 -27.54 39.98 -21.64
N HIS A 1253 -26.37 40.21 -22.25
CA HIS A 1253 -25.43 41.19 -21.71
C HIS A 1253 -26.03 42.60 -21.72
N GLN A 1254 -26.66 42.96 -22.84
CA GLN A 1254 -27.25 44.29 -22.95
C GLN A 1254 -28.41 44.47 -21.97
N GLN A 1255 -29.25 43.45 -21.82
CA GLN A 1255 -30.38 43.54 -20.90
C GLN A 1255 -29.90 43.68 -19.45
N LEU A 1256 -28.86 42.92 -19.08
CA LEU A 1256 -28.36 42.99 -17.72
C LEU A 1256 -27.61 44.29 -17.46
N LEU A 1257 -26.99 44.85 -18.51
CA LEU A 1257 -26.32 46.14 -18.35
C LEU A 1257 -27.32 47.28 -18.29
N ALA A 1258 -28.49 47.10 -18.92
CA ALA A 1258 -29.52 48.14 -18.90
C ALA A 1258 -30.00 48.41 -17.49
N GLN A 1259 -30.22 47.35 -16.71
CA GLN A 1259 -30.64 47.51 -15.33
C GLN A 1259 -29.42 47.54 -14.41
N LYS A 1260 -29.46 48.41 -13.41
CA LYS A 1260 -28.35 48.59 -12.49
C LYS A 1260 -28.44 47.60 -11.32
N GLY A 1261 -28.27 46.33 -11.65
CA GLY A 1261 -28.35 45.25 -10.70
C GLY A 1261 -26.98 44.71 -10.30
N ILE A 1262 -26.95 43.43 -9.95
CA ILE A 1262 -25.69 42.80 -9.53
C ILE A 1262 -24.72 42.71 -10.68
N TYR A 1263 -25.22 42.41 -11.88
CA TYR A 1263 -24.34 42.28 -13.04
C TYR A 1263 -23.63 43.59 -13.34
N PHE A 1264 -24.35 44.70 -13.24
CA PHE A 1264 -23.72 46.01 -13.43
C PHE A 1264 -22.65 46.26 -12.37
N SER A 1265 -22.90 45.85 -11.13
CA SER A 1265 -21.91 46.03 -10.08
C SER A 1265 -20.66 45.21 -10.38
N MET A 1266 -20.82 43.97 -10.84
CA MET A 1266 -19.67 43.15 -11.19
C MET A 1266 -18.90 43.75 -12.37
N VAL A 1267 -19.63 44.28 -13.37
CA VAL A 1267 -18.96 44.88 -14.52
C VAL A 1267 -18.17 46.12 -14.11
N SER A 1268 -18.76 46.96 -13.27
CA SER A 1268 -18.12 48.19 -12.84
C SER A 1268 -16.91 47.96 -11.93
N VAL A 1269 -16.78 46.78 -11.33
CA VAL A 1269 -15.63 46.47 -10.50
C VAL A 1269 -14.57 45.74 -11.32
PG ATP B . 1.19 29.75 -16.50
O1G ATP B . 1.15 28.47 -15.77
O2G ATP B . 0.41 29.69 -17.72
O3G ATP B . 0.82 30.90 -15.63
PB ATP B . 4.16 30.07 -16.12
O1B ATP B . 5.01 30.90 -16.93
O2B ATP B . 4.17 30.30 -14.69
O3B ATP B . 2.75 29.96 -16.87
PA ATP B . 5.82 27.63 -15.91
O1A ATP B . 5.08 26.68 -15.05
O2A ATP B . 7.00 28.28 -15.33
O3A ATP B . 4.83 28.71 -16.50
O5' ATP B . 6.29 26.84 -17.19
C5' ATP B . 7.59 26.98 -17.78
C4' ATP B . 7.91 25.73 -18.58
O4' ATP B . 8.39 24.70 -17.70
C3' ATP B . 6.76 25.10 -19.37
O3' ATP B . 7.26 24.61 -20.60
C2' ATP B . 6.31 23.96 -18.45
O2' ATP B . 5.69 22.85 -19.06
C1' ATP B . 7.62 23.53 -17.86
N9 ATP B . 7.52 22.90 -16.58
C8 ATP B . 6.88 23.35 -15.51
N7 ATP B . 7.02 22.56 -14.49
C5 ATP B . 7.77 21.51 -14.96
C6 ATP B . 8.26 20.33 -14.37
N6 ATP B . 8.07 20.02 -13.10
N1 ATP B . 8.98 19.51 -15.15
C2 ATP B . 9.20 19.85 -16.42
N3 ATP B . 8.81 20.93 -17.07
C4 ATP B . 8.08 21.71 -16.26
MG MG C . 2.30 29.15 -13.53
PG ATP D . -16.36 29.21 -7.06
O1G ATP D . -16.66 30.32 -7.99
O2G ATP D . -15.60 28.05 -7.70
O3G ATP D . -15.62 29.65 -5.80
PB ATP D . -19.03 27.87 -7.05
O1B ATP D . -20.09 28.85 -7.31
O2B ATP D . -18.62 26.99 -8.24
O3B ATP D . -17.71 28.55 -6.52
PA ATP D . -19.51 25.32 -5.64
O1A ATP D . -18.26 24.62 -5.96
O2A ATP D . -20.73 24.82 -6.40
O3A ATP D . -19.41 26.88 -5.86
O5' ATP D . -19.82 25.21 -4.09
C5' ATP D . -21.04 25.74 -3.53
C4' ATP D . -21.06 25.45 -2.04
O4' ATP D . -20.99 24.02 -1.83
C3' ATP D . -19.91 26.05 -1.24
O3' ATP D . -20.36 26.48 0.04
C2' ATP D . -18.91 24.89 -1.15
O2' ATP D . -18.09 24.97 0.01
C1' ATP D . -19.85 23.70 -1.05
N9 ATP D . -19.30 22.45 -1.55
C8 ATP D . -18.70 22.24 -2.77
N7 ATP D . -18.29 21.01 -2.96
C5 ATP D . -18.65 20.36 -1.79
C6 ATP D . -18.50 19.03 -1.36
N6 ATP D . -17.92 18.07 -2.08
N1 ATP D . -18.97 18.71 -0.13
C2 ATP D . -19.53 19.66 0.61
N3 ATP D . -19.73 20.94 0.31
C4 ATP D . -19.27 21.24 -0.91
MG MG E . -16.54 26.28 -8.60
CAA Y01 F . 17.49 -18.22 7.80
CBA Y01 F . 16.72 -17.26 8.69
CAB Y01 F . 15.38 -17.85 9.09
CAN Y01 F . 17.53 -16.85 9.91
CAJ Y01 F . 18.70 -15.94 9.63
CAO Y01 F . 19.53 -15.63 10.86
CBB Y01 F . 20.67 -14.63 10.64
CAC Y01 F . 21.04 -14.54 9.16
CBE Y01 F . 20.32 -13.27 11.26
CAP Y01 F . 19.44 -13.43 12.54
CAQ Y01 F . 19.89 -12.35 13.54
CBG Y01 F . 20.69 -11.38 12.67
CBI Y01 F . 21.46 -12.30 11.72
CAE Y01 F . 22.55 -13.09 12.44
CAU Y01 F . 22.07 -11.41 10.63
CAS Y01 F . 22.95 -10.30 11.24
CBF Y01 F . 22.23 -9.44 12.28
CBD Y01 F . 21.52 -10.30 13.35
CAK Y01 F . 20.66 -9.44 14.26
CAI Y01 F . 21.27 -8.10 14.56
CAZ Y01 F . 22.40 -7.65 14.03
CAV Y01 F . 23.00 -6.33 14.49
CBH Y01 F . 23.13 -8.35 12.90
CAD Y01 F . 24.45 -8.93 13.45
CAT Y01 F . 23.45 -7.30 11.82
CAR Y01 F . 22.75 -5.96 12.05
CBC Y01 F . 23.14 -5.34 13.36
OAW Y01 F . 24.54 -4.93 13.30
CAY Y01 F . 24.88 -3.99 12.42
OAG Y01 F . 25.67 -4.18 11.53
CAM Y01 F . 24.20 -2.69 12.69
CAL Y01 F . 24.48 -1.57 11.70
CAX Y01 F . 24.08 -0.19 12.18
OAH Y01 F . 24.23 0.77 11.40
OAF Y01 F . 23.63 -0.07 13.34
CAA Y01 G . 9.27 -17.09 35.12
CBA Y01 G . 10.39 -17.05 34.08
CAB Y01 G . 11.63 -16.36 34.65
CAN Y01 G . 9.93 -16.42 32.76
CAJ Y01 G . 9.07 -15.19 32.89
CAO Y01 G . 9.85 -13.90 32.77
CBB Y01 G . 9.03 -12.61 32.97
CAC Y01 G . 8.41 -12.60 34.36
CBE Y01 G . 9.89 -11.38 32.69
CAP Y01 G . 11.19 -11.78 31.93
CAQ Y01 G . 10.98 -11.25 30.50
CBG Y01 G . 10.33 -9.91 30.80
CBI Y01 G . 9.24 -10.24 31.85
CAE Y01 G . 7.96 -10.77 31.18
CAU Y01 G . 8.98 -8.90 32.53
CAS Y01 G . 8.48 -7.85 31.53
CBF Y01 G . 9.31 -7.71 30.23
CBD Y01 G . 9.77 -9.07 29.68
CAK Y01 G . 10.78 -8.89 28.56
CAI Y01 G . 10.29 -7.86 27.59
CAZ Y01 G . 9.24 -7.09 27.79
CAV Y01 G . 8.67 -6.24 26.68
CBH Y01 G . 8.56 -6.91 29.14
CAD Y01 G . 7.10 -7.38 29.02
CAT Y01 G . 8.59 -5.39 29.46
CAR Y01 G . 8.07 -4.52 28.32
CBC Y01 G . 8.82 -4.79 27.04
OAW Y01 G . 8.27 -4.04 25.92
CAY Y01 G . 9.06 -3.89 24.86
OAG Y01 G . 9.17 -4.68 23.97
CAM Y01 G . 9.80 -2.57 24.90
CAL Y01 G . 9.40 -1.57 23.83
CAX Y01 G . 7.97 -1.08 23.91
OAH Y01 G . 7.24 -1.52 24.82
OAF Y01 G . 7.59 -0.24 23.07
CAA Y01 H . 15.04 -15.43 32.46
CBA Y01 H . 15.74 -14.60 31.41
CAB Y01 H . 17.04 -15.26 30.97
CAN Y01 H . 15.96 -13.17 31.89
CAJ Y01 H . 15.54 -12.09 30.94
CAO Y01 H . 16.68 -11.57 30.12
CBB Y01 H . 17.27 -10.24 30.62
CAC Y01 H . 18.78 -10.36 30.81
CBE Y01 H . 16.87 -9.05 29.72
CAP Y01 H . 15.86 -9.45 28.60
CAQ Y01 H . 14.62 -8.59 28.82
CBG Y01 H . 15.27 -7.30 29.31
CBI Y01 H . 16.27 -7.78 30.37
CAE Y01 H . 15.56 -8.16 31.68
CAU Y01 H . 17.24 -6.61 30.59
CAS Y01 H . 16.50 -5.32 30.97
CBF Y01 H . 15.35 -4.96 30.01
CBD Y01 H . 14.40 -6.15 29.81
CAK Y01 H . 13.33 -5.80 28.79
CAI Y01 H . 12.66 -4.52 29.15
CAZ Y01 H . 13.32 -3.49 29.64
CAV Y01 H . 12.76 -2.09 29.47
CBH Y01 H . 14.67 -3.60 30.34
CAD Y01 H . 14.44 -3.43 31.86
CAT Y01 H . 15.62 -2.49 29.83
CAR Y01 H . 14.99 -1.12 29.69
CBC Y01 H . 13.76 -1.16 28.83
OAW Y01 H . 13.17 0.16 28.83
CAY Y01 H . 13.50 1.04 27.89
OAG Y01 H . 14.10 0.76 26.90
CAM Y01 H . 13.01 2.42 28.23
CAL Y01 H . 13.13 3.56 27.26
CAX Y01 H . 14.50 4.21 27.14
OAH Y01 H . 15.46 3.70 27.76
OAF Y01 H . 14.61 5.22 26.43
CAA Y01 I . -4.70 -28.78 32.19
CBA Y01 I . -4.08 -27.61 32.94
CAB Y01 I . -4.78 -26.30 32.56
CAN Y01 I . -2.57 -27.52 32.72
CAJ Y01 I . -1.71 -28.12 33.81
CAO Y01 I . -1.41 -29.59 33.61
CBB Y01 I . -0.52 -30.23 34.68
CAC Y01 I . -1.13 -30.01 36.06
CBE Y01 I . -0.28 -31.72 34.33
CAP Y01 I . 0.22 -31.90 32.87
CAQ Y01 I . 0.91 -33.27 32.82
CBG Y01 I . 0.77 -33.82 34.22
CBI Y01 I . 0.77 -32.56 35.12
CAE Y01 I . 2.13 -31.85 35.12
CAU Y01 I . 0.39 -33.02 36.52
CAS Y01 I . 1.36 -34.09 37.04
CBF Y01 I . 1.46 -35.32 36.12
CBD Y01 I . 1.73 -34.92 34.66
CAK Y01 I . 1.63 -36.15 33.77
CAI Y01 I . 2.29 -37.35 34.37
CAZ Y01 I . 2.81 -37.38 35.59
CAV Y01 I . 3.68 -38.54 36.05
CBH Y01 I . 2.53 -36.32 36.64
CAD Y01 I . 3.84 -35.62 37.01
CAT Y01 I . 1.98 -37.05 37.90
CAR Y01 I . 2.90 -38.17 38.37
CBC Y01 I . 3.10 -39.20 37.28
OAW Y01 I . 4.07 -40.19 37.74
CAY Y01 I . 3.67 -41.14 38.58
OAG Y01 I . 2.68 -41.06 39.25
CAM Y01 I . 4.60 -42.30 38.60
CAL Y01 I . 5.14 -42.66 39.97
CAX Y01 I . 5.76 -44.04 40.05
OAH Y01 I . 6.94 -44.13 40.47
OAF Y01 I . 5.08 -45.02 39.66
CAA Y01 J . -1.56 -32.72 30.14
CBA Y01 J . -2.15 -34.11 30.13
CAB Y01 J . -1.89 -34.78 28.80
CAN Y01 J . -3.63 -34.07 30.46
CAJ Y01 J . -4.22 -35.40 30.81
CAO Y01 J . -3.44 -36.09 31.88
CBB Y01 J . -3.70 -37.60 31.99
CAC Y01 J . -3.54 -38.24 30.61
CBE Y01 J . -2.78 -38.20 33.06
CAP Y01 J . -2.75 -37.33 34.34
CAQ Y01 J . -2.97 -38.29 35.52
CBG Y01 J . -2.45 -39.61 34.97
CBI Y01 J . -3.04 -39.65 33.55
CAE Y01 J . -4.55 -39.93 33.58
CAU Y01 J . -2.28 -40.77 32.83
CAS Y01 J . -2.43 -42.11 33.55
CBF Y01 J . -2.05 -42.06 35.04
CBD Y01 J . -2.70 -40.88 35.76
CAK Y01 J . -2.17 -40.75 37.18
CAI Y01 J . -1.99 -42.07 37.85
CAZ Y01 J . -2.17 -43.24 37.26
CAV Y01 J . -2.10 -44.52 38.07
CBH Y01 J . -2.33 -43.41 35.75
CAD Y01 J . -3.77 -43.92 35.47
CAT Y01 J . -1.31 -44.45 35.27
CAR Y01 J . -1.23 -45.71 36.14
CBC Y01 J . -0.94 -45.34 37.57
OAW Y01 J . -0.75 -46.50 38.41
CAY Y01 J . 0.50 -46.95 38.59
OAG Y01 J . 1.22 -47.29 37.68
CAM Y01 J . 0.90 -46.97 40.03
CAL Y01 J . 1.39 -48.26 40.65
CAX Y01 J . 0.45 -49.45 40.56
OAH Y01 J . -0.02 -49.91 41.62
OAF Y01 J . 0.22 -49.93 39.43
#